data_5I0G
#
_entry.id   5I0G
#
_cell.length_a   196.368
_cell.length_b   103.900
_cell.length_c   44.798
_cell.angle_alpha   90.00
_cell.angle_beta   90.32
_cell.angle_gamma   90.00
#
_symmetry.space_group_name_H-M   'C 1 2 1'
#
loop_
_entity.id
_entity.type
_entity.pdbx_description
1 polymer 'Glycoside hydrolase family 31'
2 branched 'Cyclic alpha-D-glucopyranose-(1-3)-alpha-D-glucopyranose-(1-6)-alpha-D-glucopyranose-(1-3)-alpha-D-glucopyranose'
3 non-polymer 'SUCCINIC ACID'
4 water water
#
_entity_poly.entity_id   1
_entity_poly.type   'polypeptide(L)'
_entity_poly.pdbx_seq_one_letter_code
;MITHRPRGIEHPYARSLDQLYPAIPIAGQSLTIGATTSGPCSRMRCFVLWPEHEQVFDMSPVNGTDSDAALLAGGEGHLA
AAQQAALDADNGWQTSIPHLPDQDATYYFEALTLDGRTETSESFPLTPSHWSAEPVGHIDIDGDRFIPDSPLWLVSSAGT
HRVKFALRIEGDEHVVGFGERYDQLDQRGLRLDSVVFEQYKAQGKHHRTYLPMPFAQVVNEAGRAWGFHVETTRRTWYDV
AATVSDRILIEVDLGFEAEKTPVVRVNTWSGSPTDVLNGFLDVAGRPAEMPEWIFGLWASGNEWNTQSLVMEQMDRHRNE
GIPVSVVVIEAWSDEEGFTIFRDARYVPNQGQPHRGPDFTYPSDGAWPDPAGMIRELHERGIRVILWQIPLQKTDDDLGP
EALAQGNALIASGHVVKEPDGTPYKNRGWWFPNALMPDLSTEAGRQWWTEQRRYLVEDLDIDGFKTDGGEHAWGSDLRYE
DGRRGDEGNNLYPVNYARAYGDLLRSAGKYPVTFSRSGFTGSQAHGLYWAGAEDSTWEAFRSSITAGITAGACGILYWGW
DLAGFSGPVPEAELYARAFAAATFMPIMQYHSEFHHHELPLRDRTPWNVAEQTGCGELIDLARHYTRVREALRPYLVAQT
RQCLQTGKPLMRAMFYDHADDPEIWAHPRQYMLGDELLINPVTAPGATTWTTYLPEGQWEDYWSGEVSEGGHLVTRAVGW
DIIPVYRRVGAAL
;
_entity_poly.pdbx_strand_id   B
#
# COMPACT_ATOMS: atom_id res chain seq x y z
N MET A 1 1.39 37.93 6.47
CA MET A 1 2.47 37.04 5.97
C MET A 1 1.81 36.23 4.86
N ILE A 2 2.36 36.36 3.65
CA ILE A 2 1.88 35.60 2.50
C ILE A 2 2.71 34.34 2.38
N THR A 3 2.07 33.19 2.24
CA THR A 3 2.80 31.94 2.01
C THR A 3 2.53 31.42 0.59
N HIS A 4 3.61 31.08 -0.10
CA HIS A 4 3.56 30.39 -1.39
C HIS A 4 4.67 29.36 -1.42
N ARG A 5 4.31 28.11 -1.73
CA ARG A 5 5.28 27.01 -1.91
C ARG A 5 5.06 26.41 -3.30
N PRO A 6 5.98 26.65 -4.25
CA PRO A 6 5.75 26.24 -5.64
C PRO A 6 5.20 24.82 -5.85
N ARG A 7 5.79 23.84 -5.14
CA ARG A 7 5.36 22.42 -5.23
C ARG A 7 4.26 22.04 -4.25
N GLY A 8 3.92 22.93 -3.31
CA GLY A 8 2.89 22.66 -2.32
C GLY A 8 3.29 21.62 -1.28
N ILE A 9 2.29 20.99 -0.68
CA ILE A 9 2.46 19.95 0.34
C ILE A 9 2.98 18.63 -0.28
N GLU A 10 2.74 18.46 -1.59
CA GLU A 10 3.18 17.31 -2.40
C GLU A 10 2.49 16.00 -2.00
N HIS A 11 1.19 16.11 -1.74
CA HIS A 11 0.26 14.97 -1.75
C HIS A 11 0.26 14.53 -3.23
N PRO A 12 0.46 13.22 -3.51
CA PRO A 12 0.67 12.80 -4.91
C PRO A 12 -0.51 12.99 -5.86
N TYR A 13 -1.74 12.96 -5.34
CA TYR A 13 -2.96 13.26 -6.11
C TYR A 13 -3.73 14.52 -5.72
N ALA A 14 -3.09 15.51 -5.09
CA ALA A 14 -3.81 16.71 -4.68
C ALA A 14 -2.93 17.95 -4.57
N ARG A 15 -3.57 19.11 -4.72
CA ARG A 15 -2.93 20.43 -4.72
C ARG A 15 -3.20 21.09 -3.39
N SER A 16 -2.20 21.72 -2.78
CA SER A 16 -2.47 22.57 -1.63
C SER A 16 -2.92 23.96 -2.15
N LEU A 17 -3.33 24.84 -1.24
CA LEU A 17 -3.81 26.20 -1.62
C LEU A 17 -2.71 27.21 -2.01
N ASP A 18 -1.44 26.83 -1.85
CA ASP A 18 -0.34 27.77 -1.89
C ASP A 18 0.72 27.43 -2.96
N GLN A 19 0.31 26.76 -4.03
CA GLN A 19 1.27 26.23 -5.01
C GLN A 19 1.04 26.66 -6.45
N LEU A 20 2.00 26.32 -7.31
CA LEU A 20 1.80 26.31 -8.75
C LEU A 20 1.19 24.98 -9.16
N TYR A 21 0.30 25.03 -10.15
CA TYR A 21 -0.30 23.82 -10.72
C TYR A 21 -0.47 23.99 -12.23
N PRO A 22 0.15 23.14 -13.05
CA PRO A 22 1.05 22.06 -12.61
C PRO A 22 2.32 22.54 -11.92
N ALA A 23 2.88 21.69 -11.06
CA ALA A 23 4.04 22.06 -10.24
C ALA A 23 5.32 22.28 -11.07
N ILE A 24 5.42 21.61 -12.23
CA ILE A 24 6.48 21.84 -13.21
C ILE A 24 5.71 22.54 -14.34
N PRO A 25 5.74 23.89 -14.38
CA PRO A 25 4.90 24.57 -15.38
C PRO A 25 5.30 24.23 -16.81
N ILE A 26 4.34 24.20 -17.73
CA ILE A 26 4.57 23.83 -19.13
C ILE A 26 4.09 24.95 -20.05
N ALA A 27 4.99 25.44 -20.89
CA ALA A 27 4.69 26.48 -21.87
C ALA A 27 3.52 26.07 -22.77
N GLY A 28 2.62 27.00 -23.07
CA GLY A 28 1.46 26.72 -23.90
C GLY A 28 0.23 26.23 -23.16
N GLN A 29 0.38 25.76 -21.92
CA GLN A 29 -0.74 25.27 -21.13
C GLN A 29 -1.05 26.22 -19.98
N SER A 30 -2.19 26.00 -19.35
CA SER A 30 -2.59 26.86 -18.25
C SER A 30 -1.73 26.60 -17.00
N LEU A 31 -1.60 27.66 -16.19
CA LEU A 31 -0.86 27.61 -14.93
C LEU A 31 -1.72 28.29 -13.89
N THR A 32 -2.03 27.56 -12.81
CA THR A 32 -2.80 28.10 -11.71
C THR A 32 -1.82 28.41 -10.59
N ILE A 33 -1.95 29.61 -10.02
CA ILE A 33 -1.02 30.12 -9.03
C ILE A 33 -1.80 30.46 -7.78
N GLY A 34 -1.42 29.86 -6.67
CA GLY A 34 -2.13 30.02 -5.39
C GLY A 34 -1.20 30.52 -4.32
N ALA A 35 -1.79 31.24 -3.36
CA ALA A 35 -1.10 31.71 -2.17
C ALA A 35 -2.08 31.80 -1.01
N THR A 36 -1.56 31.73 0.21
CA THR A 36 -2.37 31.88 1.42
C THR A 36 -1.86 33.03 2.27
N THR A 37 -2.72 33.53 3.16
CA THR A 37 -2.35 34.58 4.11
C THR A 37 -2.64 34.15 5.56
N SER A 38 -1.86 34.68 6.50
CA SER A 38 -2.01 34.36 7.92
C SER A 38 -3.12 35.17 8.62
N GLY A 39 -3.60 36.22 7.96
CA GLY A 39 -4.73 37.04 8.41
C GLY A 39 -5.59 37.47 7.23
N PRO A 40 -6.81 37.95 7.50
CA PRO A 40 -7.73 38.26 6.42
C PRO A 40 -7.30 39.46 5.56
N CYS A 41 -7.47 39.33 4.25
CA CYS A 41 -7.13 40.37 3.29
C CYS A 41 -8.35 40.70 2.43
N SER A 42 -8.37 41.91 1.89
CA SER A 42 -9.42 42.29 0.96
C SER A 42 -8.93 42.15 -0.48
N ARG A 43 -7.61 41.97 -0.69
CA ARG A 43 -7.03 41.99 -2.02
C ARG A 43 -5.69 41.26 -2.09
N MET A 44 -5.46 40.54 -3.18
CA MET A 44 -4.13 39.98 -3.52
C MET A 44 -3.90 40.02 -5.03
N ARG A 45 -2.69 40.41 -5.41
CA ARG A 45 -2.25 40.46 -6.79
C ARG A 45 -0.99 39.64 -6.97
N CYS A 46 -0.83 39.09 -8.16
CA CYS A 46 0.39 38.40 -8.52
C CYS A 46 1.06 39.21 -9.62
N PHE A 47 2.29 39.63 -9.38
CA PHE A 47 3.10 40.39 -10.32
C PHE A 47 4.06 39.42 -10.97
N VAL A 48 4.03 39.33 -12.30
CA VAL A 48 4.88 38.39 -13.05
C VAL A 48 5.78 39.19 -14.01
N LEU A 49 7.08 39.12 -13.77
CA LEU A 49 8.07 39.93 -14.47
C LEU A 49 8.68 39.10 -15.58
N TRP A 50 8.12 39.24 -16.78
CA TRP A 50 8.76 38.72 -18.01
C TRP A 50 9.77 39.81 -18.42
N PRO A 51 10.75 39.48 -19.27
CA PRO A 51 11.65 40.56 -19.74
C PRO A 51 10.96 41.65 -20.58
N GLU A 52 10.09 41.24 -21.50
CA GLU A 52 9.39 42.19 -22.41
C GLU A 52 8.16 42.89 -21.80
N HIS A 53 7.56 42.28 -20.77
CA HIS A 53 6.37 42.82 -20.13
C HIS A 53 6.35 42.45 -18.65
N GLU A 54 5.98 43.40 -17.80
CA GLU A 54 5.54 43.06 -16.45
C GLU A 54 4.02 42.96 -16.53
N GLN A 55 3.43 41.94 -15.91
CA GLN A 55 1.98 41.81 -15.89
C GLN A 55 1.44 41.58 -14.47
N VAL A 56 0.26 42.15 -14.21
CA VAL A 56 -0.38 42.11 -12.89
C VAL A 56 -1.68 41.33 -13.03
N PHE A 57 -1.87 40.33 -12.18
CA PHE A 57 -3.09 39.51 -12.13
C PHE A 57 -3.81 39.78 -10.81
N ASP A 58 -5.09 40.17 -10.88
CA ASP A 58 -5.89 40.31 -9.66
C ASP A 58 -6.35 38.92 -9.26
N MET A 59 -5.90 38.45 -8.11
CA MET A 59 -6.27 37.12 -7.63
C MET A 59 -7.66 37.17 -6.99
N SER A 60 -8.32 36.02 -6.91
CA SER A 60 -9.65 35.94 -6.28
C SER A 60 -9.66 34.93 -5.12
N PRO A 61 -10.52 35.18 -4.10
CA PRO A 61 -10.52 34.26 -2.95
C PRO A 61 -10.96 32.85 -3.32
N VAL A 62 -10.29 31.83 -2.80
CA VAL A 62 -10.64 30.43 -3.08
C VAL A 62 -11.67 29.97 -2.05
N ASN A 63 -12.77 29.40 -2.53
CA ASN A 63 -13.75 28.71 -1.69
C ASN A 63 -13.13 27.36 -1.36
N GLY A 64 -12.95 27.09 -0.06
CA GLY A 64 -12.36 25.83 0.40
C GLY A 64 -13.02 24.55 -0.11
N THR A 65 -14.34 24.57 -0.28
CA THR A 65 -15.07 23.40 -0.84
C THR A 65 -14.59 23.04 -2.25
N ASP A 66 -14.10 24.01 -3.02
CA ASP A 66 -13.59 23.78 -4.37
C ASP A 66 -12.09 23.50 -4.42
N SER A 67 -11.38 23.67 -3.29
CA SER A 67 -9.99 23.23 -3.16
C SER A 67 -9.87 21.69 -2.99
N ASP A 68 -8.65 21.18 -2.84
CA ASP A 68 -8.40 19.78 -2.52
C ASP A 68 -8.26 19.52 -1.01
N ALA A 69 -8.77 20.42 -0.17
CA ALA A 69 -8.72 20.26 1.31
C ALA A 69 -9.25 18.91 1.81
N ALA A 70 -10.37 18.45 1.23
CA ALA A 70 -10.96 17.17 1.58
C ALA A 70 -9.96 16.01 1.36
N LEU A 71 -9.26 16.05 0.21
CA LEU A 71 -8.25 15.04 -0.11
C LEU A 71 -7.02 15.09 0.81
N LEU A 72 -6.65 16.30 1.25
CA LEU A 72 -5.50 16.51 2.14
C LEU A 72 -5.78 16.01 3.56
N ALA A 73 -7.05 15.91 3.92
CA ALA A 73 -7.44 15.29 5.19
C ALA A 73 -7.72 13.79 5.07
N GLY A 74 -7.39 13.18 3.94
CA GLY A 74 -7.52 11.71 3.74
C GLY A 74 -8.70 11.24 2.93
N GLY A 75 -9.51 12.15 2.41
CA GLY A 75 -10.58 11.81 1.48
C GLY A 75 -11.88 11.36 2.11
N GLU A 76 -12.85 11.07 1.25
CA GLU A 76 -14.18 10.52 1.59
C GLU A 76 -14.25 9.50 2.75
N GLY A 77 -13.23 8.64 2.85
CA GLY A 77 -13.10 7.68 3.95
C GLY A 77 -13.01 8.29 5.34
N HIS A 78 -12.50 9.53 5.42
CA HIS A 78 -12.48 10.33 6.65
C HIS A 78 -13.42 11.54 6.47
N LEU A 79 -14.71 11.24 6.28
CA LEU A 79 -15.71 12.25 5.81
C LEU A 79 -15.83 13.47 6.72
N ALA A 80 -16.01 13.26 8.02
CA ALA A 80 -16.12 14.37 8.97
C ALA A 80 -14.85 15.24 8.94
N ALA A 81 -13.68 14.60 9.04
CA ALA A 81 -12.41 15.35 8.96
C ALA A 81 -12.27 16.10 7.62
N ALA A 82 -12.65 15.45 6.53
CA ALA A 82 -12.57 16.04 5.18
C ALA A 82 -13.45 17.29 5.01
N GLN A 83 -14.72 17.17 5.40
CA GLN A 83 -15.68 18.28 5.34
C GLN A 83 -15.24 19.52 6.13
N GLN A 84 -14.81 19.31 7.38
CA GLN A 84 -14.37 20.43 8.22
C GLN A 84 -13.08 21.04 7.70
N ALA A 85 -12.20 20.21 7.13
CA ALA A 85 -10.99 20.72 6.44
C ALA A 85 -11.32 21.64 5.26
N ALA A 86 -12.36 21.31 4.49
CA ALA A 86 -12.82 22.16 3.38
C ALA A 86 -13.29 23.54 3.86
N LEU A 87 -14.08 23.53 4.93
CA LEU A 87 -14.50 24.77 5.58
C LEU A 87 -13.32 25.59 6.10
N ASP A 88 -12.36 24.91 6.72
CA ASP A 88 -11.18 25.59 7.30
C ASP A 88 -10.23 26.19 6.24
N ALA A 89 -10.23 25.64 5.02
CA ALA A 89 -9.36 26.11 3.92
C ALA A 89 -9.91 27.42 3.29
N ASP A 90 -9.87 28.49 4.09
CA ASP A 90 -10.58 29.76 3.82
C ASP A 90 -9.68 30.99 3.60
N ASN A 91 -8.35 30.78 3.60
CA ASN A 91 -7.37 31.87 3.50
C ASN A 91 -6.57 31.86 2.18
N GLY A 92 -7.09 31.19 1.16
CA GLY A 92 -6.38 30.98 -0.10
C GLY A 92 -6.81 31.96 -1.18
N TRP A 93 -5.85 32.40 -2.00
CA TRP A 93 -6.14 33.24 -3.17
C TRP A 93 -5.58 32.55 -4.42
N GLN A 94 -6.19 32.84 -5.57
CA GLN A 94 -5.85 32.15 -6.82
C GLN A 94 -5.99 33.03 -8.04
N THR A 95 -5.07 32.87 -8.99
CA THR A 95 -5.22 33.35 -10.36
C THR A 95 -4.69 32.28 -11.31
N SER A 96 -4.92 32.46 -12.60
CA SER A 96 -4.40 31.52 -13.58
C SER A 96 -4.05 32.20 -14.88
N ILE A 97 -3.02 31.67 -15.55
CA ILE A 97 -2.51 32.19 -16.81
C ILE A 97 -2.92 31.15 -17.85
N PRO A 98 -3.83 31.51 -18.80
CA PRO A 98 -4.44 30.48 -19.66
C PRO A 98 -3.48 29.76 -20.65
N HIS A 99 -2.53 30.50 -21.22
CA HIS A 99 -1.59 29.92 -22.21
C HIS A 99 -0.18 30.42 -21.90
N LEU A 100 0.54 29.66 -21.06
CA LEU A 100 1.78 30.14 -20.47
C LEU A 100 2.86 30.41 -21.52
N PRO A 101 3.35 31.67 -21.65
CA PRO A 101 4.49 31.96 -22.53
C PRO A 101 5.76 31.13 -22.26
N ASP A 102 6.50 30.80 -23.31
CA ASP A 102 7.76 30.06 -23.21
C ASP A 102 8.93 31.03 -22.97
N GLN A 103 8.89 31.68 -21.80
CA GLN A 103 9.90 32.66 -21.38
C GLN A 103 10.05 32.57 -19.87
N ASP A 104 11.28 32.69 -19.39
CA ASP A 104 11.55 32.72 -17.96
C ASP A 104 11.16 34.06 -17.34
N ALA A 105 10.81 34.02 -16.06
CA ALA A 105 10.32 35.18 -15.33
C ALA A 105 10.58 35.00 -13.85
N THR A 106 10.26 36.04 -13.09
CA THR A 106 10.09 35.92 -11.65
C THR A 106 8.71 36.47 -11.28
N TYR A 107 8.17 36.02 -10.15
CA TYR A 107 6.88 36.53 -9.69
C TYR A 107 6.87 36.74 -8.18
N TYR A 108 5.99 37.62 -7.74
CA TYR A 108 5.73 37.80 -6.32
C TYR A 108 4.29 38.22 -6.09
N PHE A 109 3.90 38.23 -4.81
CA PHE A 109 2.54 38.56 -4.40
C PHE A 109 2.51 39.82 -3.54
N GLU A 110 1.41 40.56 -3.67
CA GLU A 110 1.15 41.72 -2.84
C GLU A 110 -0.28 41.64 -2.36
N ALA A 111 -0.50 41.77 -1.05
CA ALA A 111 -1.85 41.76 -0.50
C ALA A 111 -2.15 43.01 0.31
N LEU A 112 -3.43 43.37 0.40
CA LEU A 112 -3.92 44.42 1.28
C LEU A 112 -4.75 43.79 2.41
N THR A 113 -4.27 43.92 3.65
CA THR A 113 -4.96 43.38 4.83
C THR A 113 -6.21 44.21 5.14
N LEU A 114 -7.13 43.64 5.91
CA LEU A 114 -8.37 44.34 6.26
C LEU A 114 -8.12 45.58 7.11
N ASP A 115 -7.00 45.61 7.83
CA ASP A 115 -6.61 46.76 8.64
C ASP A 115 -5.82 47.82 7.88
N GLY A 116 -5.49 47.56 6.62
CA GLY A 116 -4.94 48.56 5.70
C GLY A 116 -3.43 48.49 5.45
N ARG A 117 -2.80 47.37 5.78
CA ARG A 117 -1.37 47.16 5.56
C ARG A 117 -1.14 46.49 4.21
N THR A 118 -0.06 46.84 3.54
CA THR A 118 0.38 46.16 2.33
C THR A 118 1.46 45.15 2.74
N GLU A 119 1.34 43.92 2.26
CA GLU A 119 2.32 42.86 2.49
C GLU A 119 2.83 42.38 1.15
N THR A 120 4.10 41.97 1.14
CA THR A 120 4.79 41.51 -0.07
C THR A 120 5.51 40.20 0.21
N SER A 121 5.45 39.27 -0.74
CA SER A 121 6.14 37.99 -0.63
C SER A 121 7.56 38.14 -1.12
N GLU A 122 8.35 37.11 -0.86
CA GLU A 122 9.62 36.93 -1.55
C GLU A 122 9.36 36.70 -3.07
N SER A 123 10.43 36.82 -3.85
CA SER A 123 10.37 36.58 -5.29
C SER A 123 10.62 35.08 -5.55
N PHE A 124 9.96 34.57 -6.60
CA PHE A 124 10.03 33.16 -6.97
C PHE A 124 10.37 33.03 -8.46
N PRO A 125 11.19 32.02 -8.84
CA PRO A 125 11.48 31.77 -10.25
C PRO A 125 10.32 31.09 -10.98
N LEU A 126 10.08 31.47 -12.23
CA LEU A 126 9.21 30.76 -13.14
C LEU A 126 10.02 30.40 -14.39
N THR A 127 10.34 29.11 -14.54
CA THR A 127 11.10 28.61 -15.69
C THR A 127 10.25 27.54 -16.42
N PRO A 128 9.42 27.97 -17.40
CA PRO A 128 8.53 27.01 -18.09
C PRO A 128 9.28 25.95 -18.90
N SER A 129 8.68 24.76 -18.96
CA SER A 129 9.23 23.62 -19.69
C SER A 129 8.49 23.37 -21.00
N HIS A 130 9.13 22.61 -21.89
CA HIS A 130 8.48 22.15 -23.12
C HIS A 130 9.05 20.79 -23.48
N TRP A 131 8.27 20.04 -24.24
CA TRP A 131 8.63 18.70 -24.68
C TRP A 131 9.53 18.84 -25.90
N SER A 132 10.71 18.21 -25.86
CA SER A 132 11.67 18.28 -26.95
C SER A 132 12.01 16.87 -27.46
N ALA A 133 12.13 16.74 -28.78
CA ALA A 133 12.51 15.49 -29.41
C ALA A 133 14.03 15.34 -29.55
N GLU A 134 14.79 16.36 -29.15
CA GLU A 134 16.26 16.27 -29.19
C GLU A 134 16.73 15.17 -28.22
N PRO A 135 17.84 14.48 -28.56
CA PRO A 135 18.32 13.40 -27.68
C PRO A 135 19.03 13.96 -26.44
N VAL A 136 18.23 14.57 -25.57
CA VAL A 136 18.73 15.24 -24.37
C VAL A 136 19.27 14.22 -23.37
N GLY A 137 18.65 13.04 -23.34
CA GLY A 137 19.12 11.92 -22.51
C GLY A 137 19.10 10.67 -23.36
N HIS A 138 19.32 9.53 -22.74
CA HIS A 138 19.34 8.22 -23.40
C HIS A 138 18.40 7.26 -22.66
N ILE A 139 17.48 6.64 -23.40
CA ILE A 139 16.71 5.50 -22.92
C ILE A 139 17.54 4.26 -23.27
N ASP A 140 17.96 3.51 -22.24
CA ASP A 140 18.72 2.27 -22.42
C ASP A 140 17.78 1.06 -22.30
N ILE A 141 17.43 0.48 -23.44
CA ILE A 141 16.41 -0.55 -23.52
C ILE A 141 16.67 -1.48 -24.71
N ASP A 142 16.49 -2.79 -24.49
CA ASP A 142 16.67 -3.84 -25.51
C ASP A 142 15.28 -4.30 -26.02
N GLY A 143 15.21 -5.45 -26.68
CA GLY A 143 13.95 -5.95 -27.22
C GLY A 143 13.48 -5.20 -28.47
N ASP A 144 12.37 -5.66 -29.05
CA ASP A 144 11.87 -5.08 -30.30
C ASP A 144 10.51 -4.41 -30.15
N ARG A 145 10.15 -3.99 -28.92
CA ARG A 145 8.90 -3.25 -28.71
C ARG A 145 9.07 -1.74 -28.55
N PHE A 146 10.28 -1.27 -28.21
CA PHE A 146 10.57 0.16 -28.11
C PHE A 146 10.35 0.85 -29.45
N ILE A 147 9.68 2.00 -29.44
CA ILE A 147 9.51 2.83 -30.63
C ILE A 147 10.66 3.85 -30.65
N PRO A 148 11.65 3.69 -31.58
CA PRO A 148 12.89 4.48 -31.55
C PRO A 148 12.70 6.00 -31.56
N ASP A 149 11.70 6.50 -32.27
CA ASP A 149 11.52 7.97 -32.38
C ASP A 149 10.43 8.54 -31.46
N SER A 150 9.97 7.75 -30.48
CA SER A 150 8.98 8.20 -29.49
C SER A 150 9.51 9.07 -28.33
N PRO A 151 10.80 8.97 -27.96
CA PRO A 151 11.21 9.77 -26.78
C PRO A 151 10.93 11.27 -26.91
N LEU A 152 10.31 11.83 -25.88
CA LEU A 152 10.22 13.30 -25.72
C LEU A 152 10.69 13.66 -24.31
N TRP A 153 11.46 14.74 -24.21
CA TRP A 153 12.10 15.15 -22.94
C TRP A 153 11.54 16.51 -22.50
N LEU A 154 11.08 16.56 -21.27
CA LEU A 154 10.50 17.78 -20.70
C LEU A 154 11.64 18.63 -20.16
N VAL A 155 11.97 19.69 -20.91
CA VAL A 155 13.15 20.51 -20.62
C VAL A 155 12.78 21.97 -20.35
N SER A 156 13.50 22.58 -19.43
CA SER A 156 13.42 24.02 -19.14
C SER A 156 14.82 24.54 -19.12
N SER A 157 14.99 25.85 -18.91
CA SER A 157 16.34 26.44 -18.74
C SER A 157 17.06 25.88 -17.50
N ALA A 158 16.30 25.41 -16.51
CA ALA A 158 16.84 24.76 -15.29
C ALA A 158 17.16 23.27 -15.42
N GLY A 159 16.70 22.60 -16.49
CA GLY A 159 17.11 21.21 -16.76
C GLY A 159 16.00 20.31 -17.29
N THR A 160 16.20 19.01 -17.14
CA THR A 160 15.34 18.00 -17.73
C THR A 160 14.57 17.29 -16.62
N HIS A 161 13.23 17.38 -16.62
CA HIS A 161 12.41 16.96 -15.46
C HIS A 161 11.68 15.63 -15.65
N ARG A 162 11.30 15.31 -16.89
CA ARG A 162 10.55 14.09 -17.18
C ARG A 162 10.85 13.60 -18.59
N VAL A 163 10.58 12.33 -18.84
CA VAL A 163 10.71 11.76 -20.17
C VAL A 163 9.50 10.92 -20.44
N LYS A 164 9.02 10.90 -21.68
CA LYS A 164 8.04 9.91 -22.08
C LYS A 164 8.41 9.21 -23.39
N PHE A 165 8.03 7.96 -23.50
CA PHE A 165 8.35 7.17 -24.70
C PHE A 165 7.30 6.08 -24.81
N ALA A 166 7.33 5.36 -25.92
CA ALA A 166 6.28 4.39 -26.24
C ALA A 166 6.84 3.00 -26.52
N LEU A 167 6.02 2.00 -26.22
CA LEU A 167 6.29 0.60 -26.54
C LEU A 167 5.13 0.04 -27.38
N ARG A 168 5.43 -0.81 -28.36
CA ARG A 168 4.37 -1.36 -29.22
C ARG A 168 3.67 -2.48 -28.48
N ILE A 169 2.33 -2.46 -28.55
CA ILE A 169 1.48 -3.56 -28.07
C ILE A 169 0.60 -4.03 -29.24
N GLU A 170 0.47 -5.34 -29.36
CA GLU A 170 -0.29 -5.98 -30.45
C GLU A 170 -1.75 -6.27 -30.04
N GLY A 171 -2.60 -6.57 -31.01
CA GLY A 171 -4.05 -6.57 -30.83
C GLY A 171 -4.60 -7.59 -29.85
N ASP A 172 -3.93 -8.74 -29.75
CA ASP A 172 -4.32 -9.81 -28.83
C ASP A 172 -3.63 -9.78 -27.46
N GLU A 173 -2.89 -8.73 -27.12
CA GLU A 173 -2.06 -8.72 -25.91
C GLU A 173 -2.76 -8.14 -24.69
N HIS A 174 -2.50 -8.78 -23.54
CA HIS A 174 -3.05 -8.35 -22.25
C HIS A 174 -1.91 -7.90 -21.34
N VAL A 175 -2.19 -6.92 -20.49
CA VAL A 175 -1.15 -6.28 -19.66
C VAL A 175 -1.49 -6.49 -18.19
N VAL A 176 -0.65 -7.26 -17.49
CA VAL A 176 -0.85 -7.54 -16.07
C VAL A 176 0.37 -7.07 -15.29
N GLY A 177 0.14 -6.22 -14.33
CA GLY A 177 1.13 -5.89 -13.33
C GLY A 177 0.93 -4.53 -12.70
N PHE A 178 2.05 -3.83 -12.57
CA PHE A 178 2.16 -2.55 -11.89
C PHE A 178 1.94 -2.66 -10.37
N GLY A 179 2.21 -3.85 -9.83
CA GLY A 179 2.03 -4.13 -8.41
C GLY A 179 0.61 -4.51 -8.11
N GLU A 180 0.23 -4.35 -6.84
CA GLU A 180 -1.09 -4.69 -6.35
C GLU A 180 -2.10 -3.68 -6.89
N ARG A 181 -3.11 -4.16 -7.63
CA ARG A 181 -4.13 -3.33 -8.25
C ARG A 181 -5.50 -3.85 -7.87
N TYR A 182 -6.42 -2.92 -7.67
CA TYR A 182 -7.69 -3.20 -7.01
C TYR A 182 -8.90 -3.14 -7.96
N ASP A 183 -8.68 -2.71 -9.21
CA ASP A 183 -9.76 -2.44 -10.17
C ASP A 183 -9.94 -3.56 -11.17
N GLN A 184 -8.85 -3.97 -11.82
CA GLN A 184 -8.91 -5.10 -12.77
C GLN A 184 -7.57 -5.78 -13.00
N LEU A 185 -7.63 -7.07 -13.36
CA LEU A 185 -6.44 -7.85 -13.67
C LEU A 185 -5.77 -7.28 -14.92
N ASP A 186 -6.51 -7.23 -16.02
CA ASP A 186 -5.96 -6.73 -17.29
C ASP A 186 -5.99 -5.20 -17.29
N GLN A 187 -4.81 -4.58 -17.15
CA GLN A 187 -4.69 -3.11 -17.15
C GLN A 187 -4.76 -2.47 -18.56
N ARG A 188 -4.88 -3.25 -19.63
CA ARG A 188 -5.01 -2.64 -20.96
C ARG A 188 -6.25 -1.78 -21.02
N GLY A 189 -6.09 -0.56 -21.55
CA GLY A 189 -7.18 0.37 -21.74
C GLY A 189 -7.28 1.39 -20.63
N LEU A 190 -6.41 1.30 -19.62
CA LEU A 190 -6.42 2.23 -18.49
C LEU A 190 -5.21 3.16 -18.51
N ARG A 191 -5.40 4.31 -17.87
CA ARG A 191 -4.30 5.17 -17.43
C ARG A 191 -4.07 5.01 -15.92
N LEU A 192 -2.83 4.86 -15.50
CA LEU A 192 -2.50 4.72 -14.10
C LEU A 192 -1.13 5.28 -13.83
N ASP A 193 -0.69 5.16 -12.58
CA ASP A 193 0.67 5.50 -12.18
C ASP A 193 1.16 4.59 -11.06
N SER A 194 2.47 4.70 -10.75
CA SER A 194 3.11 3.97 -9.67
C SER A 194 3.74 4.94 -8.68
N VAL A 195 3.04 5.15 -7.58
CA VAL A 195 3.50 5.99 -6.49
C VAL A 195 2.88 5.44 -5.22
N VAL A 196 3.69 5.31 -4.16
CA VAL A 196 3.18 4.78 -2.90
C VAL A 196 2.23 5.81 -2.29
N PHE A 197 1.01 5.39 -1.98
CA PHE A 197 -0.01 6.28 -1.42
C PHE A 197 -0.95 5.50 -0.53
N GLU A 198 -1.39 6.12 0.56
CA GLU A 198 -2.44 5.55 1.37
C GLU A 198 -3.80 6.01 0.85
N GLN A 199 -4.47 5.15 0.09
CA GLN A 199 -5.86 5.36 -0.25
C GLN A 199 -6.69 4.64 0.82
N TYR A 200 -7.26 5.40 1.75
CA TYR A 200 -8.02 4.82 2.83
C TYR A 200 -9.41 4.38 2.32
N LYS A 201 -9.48 3.10 1.96
CA LYS A 201 -10.69 2.44 1.43
C LYS A 201 -10.95 2.79 -0.02
N ALA A 202 -11.82 2.00 -0.65
CA ALA A 202 -12.17 2.16 -2.07
C ALA A 202 -10.95 2.34 -2.99
N GLN A 203 -9.97 1.45 -2.88
CA GLN A 203 -8.76 1.60 -3.69
C GLN A 203 -9.08 1.40 -5.17
N GLY A 204 -10.00 0.49 -5.46
CA GLY A 204 -10.45 0.18 -6.83
C GLY A 204 -11.16 1.32 -7.56
N LYS A 205 -12.14 1.94 -6.90
CA LYS A 205 -12.87 3.09 -7.46
C LYS A 205 -11.94 4.24 -7.77
N HIS A 206 -10.92 4.44 -6.93
CA HIS A 206 -9.97 5.52 -7.11
C HIS A 206 -8.74 5.12 -7.94
N HIS A 207 -8.58 3.83 -8.24
CA HIS A 207 -7.50 3.37 -9.09
C HIS A 207 -6.12 3.70 -8.52
N ARG A 208 -5.97 3.49 -7.20
CA ARG A 208 -4.72 3.78 -6.51
C ARG A 208 -4.32 2.56 -5.74
N THR A 209 -3.12 2.57 -5.17
CA THR A 209 -2.60 1.41 -4.46
C THR A 209 -1.53 1.75 -3.41
N TYR A 210 -1.44 0.92 -2.36
CA TYR A 210 -0.39 1.02 -1.36
C TYR A 210 0.93 0.40 -1.88
N LEU A 211 0.86 -0.41 -2.92
CA LEU A 211 1.98 -1.28 -3.30
C LEU A 211 2.13 -1.33 -4.81
N PRO A 212 2.57 -0.20 -5.42
CA PRO A 212 2.83 -0.15 -6.86
C PRO A 212 4.22 -0.65 -7.20
N MET A 213 4.42 -1.00 -8.47
CA MET A 213 5.75 -1.23 -9.02
C MET A 213 5.77 -0.75 -10.47
N PRO A 214 6.92 -0.26 -10.94
CA PRO A 214 7.03 0.19 -12.32
C PRO A 214 7.42 -0.99 -13.21
N PHE A 215 6.53 -1.97 -13.28
CA PHE A 215 6.78 -3.26 -13.95
C PHE A 215 5.48 -3.84 -14.46
N ALA A 216 5.52 -4.47 -15.64
CA ALA A 216 4.39 -5.28 -16.11
C ALA A 216 4.78 -6.35 -17.11
N GLN A 217 3.93 -7.37 -17.18
CA GLN A 217 4.02 -8.44 -18.15
C GLN A 217 2.99 -8.20 -19.21
N VAL A 218 3.34 -8.52 -20.44
CA VAL A 218 2.46 -8.38 -21.60
C VAL A 218 2.36 -9.77 -22.20
N VAL A 219 1.14 -10.33 -22.21
CA VAL A 219 0.92 -11.70 -22.58
C VAL A 219 -0.02 -11.80 -23.79
N ASN A 220 0.40 -12.51 -24.84
CA ASN A 220 -0.47 -12.69 -26.00
C ASN A 220 -1.34 -13.93 -25.83
N GLU A 221 -2.23 -14.15 -26.81
CA GLU A 221 -3.16 -15.28 -26.73
C GLU A 221 -2.63 -16.57 -27.36
N ALA A 222 -1.34 -16.60 -27.74
CA ALA A 222 -0.65 -17.83 -28.12
C ALA A 222 0.17 -18.43 -26.97
N GLY A 223 0.25 -17.74 -25.83
CA GLY A 223 1.02 -18.23 -24.69
C GLY A 223 2.34 -17.54 -24.44
N ARG A 224 2.74 -16.62 -25.33
CA ARG A 224 4.03 -15.94 -25.24
C ARG A 224 3.90 -14.64 -24.47
N ALA A 225 4.97 -14.24 -23.78
CA ALA A 225 4.97 -13.03 -23.00
C ALA A 225 6.30 -12.30 -23.07
N TRP A 226 6.22 -10.99 -22.85
CA TRP A 226 7.40 -10.16 -22.60
C TRP A 226 7.05 -9.25 -21.43
N GLY A 227 8.03 -8.50 -20.95
CA GLY A 227 7.82 -7.66 -19.77
C GLY A 227 8.81 -6.54 -19.77
N PHE A 228 8.47 -5.48 -19.04
CA PHE A 228 9.35 -4.33 -18.87
C PHE A 228 9.36 -3.85 -17.41
N HIS A 229 10.52 -3.39 -16.98
CA HIS A 229 10.72 -2.83 -15.66
C HIS A 229 11.50 -1.53 -15.85
N VAL A 230 10.86 -0.40 -15.54
CA VAL A 230 11.57 0.87 -15.48
C VAL A 230 12.38 0.90 -14.18
N GLU A 231 13.70 0.98 -14.31
CA GLU A 231 14.62 0.88 -13.19
C GLU A 231 14.73 2.22 -12.47
N THR A 232 13.72 2.51 -11.67
CA THR A 232 13.63 3.73 -10.92
C THR A 232 12.74 3.50 -9.70
N THR A 233 12.97 4.29 -8.66
CA THR A 233 12.02 4.44 -7.56
C THR A 233 11.32 5.82 -7.58
N ARG A 234 11.47 6.55 -8.68
CA ARG A 234 10.71 7.79 -8.89
C ARG A 234 9.37 7.41 -9.44
N ARG A 235 8.48 8.39 -9.46
CA ARG A 235 7.13 8.19 -9.98
C ARG A 235 7.18 7.90 -11.48
N THR A 236 6.29 7.03 -11.93
CA THR A 236 6.09 6.73 -13.34
C THR A 236 4.59 6.71 -13.62
N TRP A 237 4.22 7.02 -14.86
CA TRP A 237 2.83 6.99 -15.34
C TRP A 237 2.72 6.11 -16.58
N TYR A 238 1.57 5.48 -16.78
CA TYR A 238 1.39 4.50 -17.87
C TYR A 238 0.03 4.72 -18.54
N ASP A 239 0.03 4.91 -19.86
CA ASP A 239 -1.19 4.96 -20.67
C ASP A 239 -1.15 3.67 -21.49
N VAL A 240 -1.85 2.65 -20.99
CA VAL A 240 -1.70 1.30 -21.49
C VAL A 240 -2.68 1.09 -22.64
N ALA A 241 -2.31 1.64 -23.79
CA ALA A 241 -3.13 1.62 -25.00
C ALA A 241 -4.54 2.16 -24.78
N ALA A 242 -4.63 3.25 -24.02
CA ALA A 242 -5.90 3.94 -23.78
C ALA A 242 -6.11 5.05 -24.80
N THR A 243 -5.07 5.84 -25.06
CA THR A 243 -5.13 6.95 -26.01
C THR A 243 -4.79 6.51 -27.42
N VAL A 244 -3.78 5.67 -27.54
CA VAL A 244 -3.34 5.16 -28.84
C VAL A 244 -3.36 3.65 -28.72
N SER A 245 -4.22 3.01 -29.49
CA SER A 245 -4.68 1.63 -29.22
C SER A 245 -3.62 0.54 -29.33
N ASP A 246 -2.50 0.83 -29.99
CA ASP A 246 -1.40 -0.11 -30.08
C ASP A 246 -0.10 0.46 -29.46
N ARG A 247 -0.25 1.37 -28.49
CA ARG A 247 0.90 1.95 -27.78
C ARG A 247 0.73 1.98 -26.25
N ILE A 248 1.74 1.50 -25.54
CA ILE A 248 1.89 1.73 -24.11
C ILE A 248 2.75 2.98 -24.02
N LEU A 249 2.19 4.10 -23.58
CA LEU A 249 2.96 5.33 -23.32
C LEU A 249 3.44 5.35 -21.86
N ILE A 250 4.75 5.49 -21.67
CA ILE A 250 5.36 5.47 -20.35
C ILE A 250 5.95 6.85 -20.10
N GLU A 251 5.71 7.39 -18.92
CA GLU A 251 6.26 8.68 -18.53
C GLU A 251 7.00 8.50 -17.23
N VAL A 252 8.19 9.10 -17.14
CA VAL A 252 9.11 8.86 -16.06
C VAL A 252 9.60 10.19 -15.47
N ASP A 253 9.39 10.36 -14.16
CA ASP A 253 9.96 11.47 -13.40
C ASP A 253 11.47 11.27 -13.34
N LEU A 254 12.22 12.31 -13.71
CA LEU A 254 13.69 12.30 -13.62
C LEU A 254 14.19 13.00 -12.37
N GLY A 255 13.29 13.67 -11.66
CA GLY A 255 13.53 14.01 -10.28
C GLY A 255 14.19 15.34 -10.01
N PHE A 256 14.40 15.59 -8.72
CA PHE A 256 14.93 16.83 -8.19
C PHE A 256 16.40 17.04 -8.57
N GLU A 259 19.56 16.57 -13.53
CA GLU A 259 20.85 16.33 -14.17
C GLU A 259 20.71 16.55 -15.66
N LYS A 260 21.81 16.85 -16.33
CA LYS A 260 21.75 17.44 -17.67
C LYS A 260 21.43 16.43 -18.80
N THR A 261 22.18 15.33 -18.85
CA THR A 261 21.90 14.26 -19.80
C THR A 261 21.60 12.96 -19.04
N PRO A 262 20.32 12.76 -18.63
CA PRO A 262 19.97 11.58 -17.84
C PRO A 262 19.95 10.28 -18.65
N VAL A 263 20.10 9.15 -17.95
CA VAL A 263 20.04 7.82 -18.52
C VAL A 263 18.92 7.06 -17.82
N VAL A 264 17.87 6.71 -18.56
CA VAL A 264 16.73 5.93 -18.07
C VAL A 264 16.89 4.45 -18.51
N ARG A 265 17.12 3.54 -17.56
CA ARG A 265 17.27 2.10 -17.86
C ARG A 265 15.93 1.37 -17.77
N VAL A 266 15.60 0.60 -18.81
CA VAL A 266 14.42 -0.26 -18.82
C VAL A 266 14.85 -1.70 -19.07
N ASN A 267 14.67 -2.53 -18.05
CA ASN A 267 14.94 -3.94 -18.14
C ASN A 267 13.78 -4.58 -18.93
N THR A 268 14.11 -5.54 -19.80
CA THR A 268 13.10 -6.28 -20.56
C THR A 268 13.41 -7.79 -20.55
N TRP A 269 12.35 -8.60 -20.73
CA TRP A 269 12.47 -10.06 -20.79
C TRP A 269 11.42 -10.58 -21.76
N SER A 270 11.67 -11.78 -22.27
CA SER A 270 10.65 -12.50 -23.03
C SER A 270 10.76 -14.01 -22.85
N GLY A 271 9.66 -14.69 -23.12
CA GLY A 271 9.59 -16.14 -23.11
C GLY A 271 8.20 -16.50 -22.64
N SER A 272 8.12 -17.51 -21.78
CA SER A 272 6.86 -17.86 -21.13
C SER A 272 6.52 -16.80 -20.07
N PRO A 273 5.26 -16.78 -19.59
CA PRO A 273 4.91 -15.87 -18.51
C PRO A 273 5.78 -16.03 -17.25
N THR A 274 6.01 -17.28 -16.85
CA THR A 274 6.94 -17.59 -15.75
C THR A 274 8.40 -17.10 -15.97
N ASP A 275 8.91 -17.19 -17.20
CA ASP A 275 10.24 -16.63 -17.52
C ASP A 275 10.29 -15.14 -17.22
N VAL A 276 9.24 -14.42 -17.64
CA VAL A 276 9.20 -12.96 -17.53
C VAL A 276 9.18 -12.52 -16.06
N LEU A 277 8.30 -13.13 -15.26
CA LEU A 277 8.27 -12.84 -13.84
C LEU A 277 9.61 -13.17 -13.14
N ASN A 278 10.21 -14.33 -13.45
CA ASN A 278 11.54 -14.68 -12.89
C ASN A 278 12.61 -13.68 -13.21
N GLY A 279 12.61 -13.23 -14.45
CA GLY A 279 13.51 -12.16 -14.86
C GLY A 279 13.40 -10.96 -13.93
N PHE A 280 12.18 -10.53 -13.66
CA PHE A 280 11.95 -9.37 -12.79
C PHE A 280 12.40 -9.64 -11.37
N LEU A 281 12.12 -10.84 -10.88
CA LEU A 281 12.51 -11.18 -9.50
C LEU A 281 14.00 -11.30 -9.32
N ASP A 282 14.72 -11.72 -10.36
CA ASP A 282 16.19 -11.73 -10.29
C ASP A 282 16.79 -10.35 -10.06
N VAL A 283 16.09 -9.31 -10.52
CA VAL A 283 16.45 -7.92 -10.27
C VAL A 283 15.79 -7.35 -8.99
N ALA A 284 14.49 -7.59 -8.82
CA ALA A 284 13.74 -6.98 -7.73
C ALA A 284 14.01 -7.59 -6.38
N GLY A 285 14.18 -8.91 -6.33
CA GLY A 285 14.27 -9.67 -5.10
C GLY A 285 13.18 -10.74 -5.10
N ARG A 286 13.44 -11.82 -4.36
CA ARG A 286 12.63 -13.02 -4.35
C ARG A 286 11.96 -13.20 -3.00
N PRO A 287 10.80 -13.88 -2.96
CA PRO A 287 10.19 -14.12 -1.65
C PRO A 287 11.09 -14.94 -0.74
N ALA A 288 10.98 -14.68 0.54
CA ALA A 288 11.80 -15.30 1.54
C ALA A 288 11.11 -16.56 2.08
N GLU A 289 11.91 -17.43 2.68
CA GLU A 289 11.43 -18.62 3.35
C GLU A 289 10.72 -18.22 4.63
N MET A 290 9.53 -18.77 4.85
CA MET A 290 8.74 -18.44 6.02
C MET A 290 8.45 -19.69 6.82
N PRO A 291 8.12 -19.55 8.12
CA PRO A 291 7.76 -20.72 8.88
C PRO A 291 6.33 -21.19 8.57
N GLU A 292 6.03 -22.45 8.85
CA GLU A 292 4.75 -23.07 8.44
C GLU A 292 3.51 -22.48 9.11
N TRP A 293 3.68 -21.95 10.32
CA TRP A 293 2.57 -21.38 11.11
C TRP A 293 1.91 -20.14 10.51
N ILE A 294 2.55 -19.50 9.53
CA ILE A 294 1.87 -18.40 8.84
C ILE A 294 0.60 -18.87 8.12
N PHE A 295 0.48 -20.19 7.85
CA PHE A 295 -0.63 -20.75 7.07
C PHE A 295 -1.88 -21.17 7.82
N GLY A 296 -1.90 -21.05 9.14
CA GLY A 296 -3.13 -21.19 9.91
C GLY A 296 -3.95 -19.90 9.95
N LEU A 297 -5.07 -19.95 10.68
CA LEU A 297 -5.92 -18.79 10.80
C LEU A 297 -5.25 -17.71 11.68
N TRP A 298 -5.21 -16.48 11.17
CA TRP A 298 -4.77 -15.31 11.95
C TRP A 298 -5.99 -14.60 12.52
N ALA A 299 -5.97 -14.35 13.83
CA ALA A 299 -7.05 -13.63 14.53
C ALA A 299 -6.60 -12.21 14.87
N SER A 300 -7.46 -11.23 14.63
CA SER A 300 -7.12 -9.83 14.91
C SER A 300 -8.35 -8.99 15.21
N GLY A 301 -8.16 -7.98 16.04
CA GLY A 301 -9.20 -7.00 16.31
C GLY A 301 -8.65 -5.83 17.11
N ASN A 302 -8.81 -4.63 16.57
CA ASN A 302 -8.25 -3.46 17.22
C ASN A 302 -8.75 -3.22 18.64
N GLU A 303 -9.98 -3.63 18.96
CA GLU A 303 -10.53 -3.40 20.30
C GLU A 303 -10.13 -4.46 21.35
N TRP A 304 -9.24 -5.38 20.98
CA TRP A 304 -8.60 -6.28 21.92
C TRP A 304 -7.38 -5.57 22.52
N ASN A 305 -7.64 -4.68 23.47
CA ASN A 305 -6.63 -3.79 24.01
C ASN A 305 -6.25 -4.05 25.47
N THR A 306 -6.65 -5.20 26.00
CA THR A 306 -6.16 -5.71 27.28
C THR A 306 -5.82 -7.18 27.14
N GLN A 307 -5.03 -7.67 28.08
CA GLN A 307 -4.66 -9.09 28.14
C GLN A 307 -5.92 -9.93 28.26
N SER A 308 -6.86 -9.48 29.09
CA SER A 308 -8.12 -10.19 29.27
C SER A 308 -8.93 -10.27 27.96
N LEU A 309 -8.98 -9.20 27.18
CA LEU A 309 -9.75 -9.21 25.92
C LEU A 309 -9.15 -10.17 24.87
N VAL A 310 -7.82 -10.22 24.77
CA VAL A 310 -7.13 -11.10 23.83
C VAL A 310 -7.38 -12.55 24.25
N MET A 311 -7.09 -12.85 25.51
CA MET A 311 -7.23 -14.21 26.04
C MET A 311 -8.69 -14.74 26.00
N GLU A 312 -9.66 -13.89 26.29
CA GLU A 312 -11.08 -14.22 26.13
C GLU A 312 -11.33 -14.77 24.72
N GLN A 313 -10.82 -14.08 23.71
CA GLN A 313 -11.03 -14.53 22.32
C GLN A 313 -10.28 -15.81 21.99
N MET A 314 -9.07 -15.95 22.52
CA MET A 314 -8.31 -17.19 22.33
C MET A 314 -8.99 -18.39 23.00
N ASP A 315 -9.54 -18.20 24.21
CA ASP A 315 -10.35 -19.24 24.88
C ASP A 315 -11.58 -19.57 24.04
N ARG A 316 -12.21 -18.53 23.48
CA ARG A 316 -13.42 -18.73 22.65
C ARG A 316 -13.12 -19.55 21.38
N HIS A 317 -11.99 -19.27 20.75
CA HIS A 317 -11.52 -20.09 19.62
C HIS A 317 -11.33 -21.59 20.01
N ARG A 318 -10.69 -21.85 21.15
CA ARG A 318 -10.54 -23.22 21.65
C ARG A 318 -11.90 -23.87 21.93
N ASN A 319 -12.79 -23.16 22.64
CA ASN A 319 -14.08 -23.73 23.06
C ASN A 319 -15.03 -24.00 21.86
N GLU A 320 -14.89 -23.23 20.79
CA GLU A 320 -15.63 -23.46 19.54
C GLU A 320 -14.99 -24.41 18.53
N GLY A 321 -13.79 -24.94 18.80
CA GLY A 321 -13.10 -25.83 17.87
C GLY A 321 -12.66 -25.15 16.58
N ILE A 322 -12.31 -23.86 16.68
CA ILE A 322 -11.82 -23.06 15.54
C ILE A 322 -10.39 -22.62 15.88
N PRO A 323 -9.39 -23.47 15.55
CA PRO A 323 -8.02 -23.13 15.92
C PRO A 323 -7.45 -21.90 15.20
N VAL A 324 -6.61 -21.17 15.92
CA VAL A 324 -5.81 -20.08 15.37
C VAL A 324 -4.33 -20.41 15.50
N SER A 325 -3.56 -19.95 14.51
CA SER A 325 -2.09 -20.02 14.52
C SER A 325 -1.42 -18.73 14.97
N VAL A 326 -2.10 -17.60 14.77
CA VAL A 326 -1.52 -16.29 14.98
C VAL A 326 -2.56 -15.34 15.60
N VAL A 327 -2.12 -14.57 16.60
CA VAL A 327 -2.94 -13.45 17.09
C VAL A 327 -2.17 -12.16 16.83
N VAL A 328 -2.83 -11.21 16.18
CA VAL A 328 -2.26 -9.88 15.99
C VAL A 328 -2.85 -9.04 17.10
N ILE A 329 -1.98 -8.34 17.84
CA ILE A 329 -2.40 -7.35 18.84
C ILE A 329 -1.96 -5.95 18.36
N GLU A 330 -2.95 -5.10 18.10
CA GLU A 330 -2.71 -3.71 17.65
C GLU A 330 -2.68 -2.71 18.76
N ALA A 331 -3.72 -2.75 19.61
CA ALA A 331 -3.82 -1.83 20.75
C ALA A 331 -3.16 -2.42 22.00
N TRP A 332 -1.83 -2.53 21.93
CA TRP A 332 -1.01 -3.13 22.99
C TRP A 332 -0.21 -2.13 23.84
N SER A 333 0.18 -1.01 23.23
CA SER A 333 1.14 -0.08 23.83
C SER A 333 0.47 1.09 24.54
N ASP A 334 1.31 2.00 25.05
CA ASP A 334 0.87 3.28 25.61
C ASP A 334 0.25 4.26 24.60
N GLU A 335 0.23 3.93 23.31
CA GLU A 335 -0.31 4.82 22.26
C GLU A 335 0.45 6.15 22.13
N GLU A 336 1.69 6.18 22.60
CA GLU A 336 2.57 7.33 22.50
C GLU A 336 3.85 6.96 21.77
N GLY A 337 4.56 5.94 22.26
CA GLY A 337 5.83 5.49 21.65
C GLY A 337 5.81 4.15 20.93
N PHE A 338 4.74 3.38 21.05
CA PHE A 338 4.65 2.05 20.42
C PHE A 338 5.84 1.14 20.70
N THR A 339 6.34 1.23 21.92
CA THR A 339 7.49 0.49 22.39
C THR A 339 7.27 -0.24 23.71
N ILE A 340 6.34 0.27 24.53
CA ILE A 340 6.08 -0.20 25.90
C ILE A 340 4.61 -0.57 26.02
N PHE A 341 4.32 -1.69 26.66
CA PHE A 341 2.91 -2.13 26.90
C PHE A 341 2.14 -1.13 27.75
N ARG A 342 0.85 -0.97 27.47
CA ARG A 342 0.03 0.01 28.20
C ARG A 342 0.07 -0.30 29.72
N ASP A 343 0.25 0.75 30.52
CA ASP A 343 0.28 0.69 32.00
C ASP A 343 1.58 0.15 32.63
N ALA A 344 2.56 -0.20 31.80
CA ALA A 344 3.83 -0.68 32.31
C ALA A 344 4.51 0.45 33.08
N ARG A 345 5.13 0.11 34.20
CA ARG A 345 5.85 1.07 35.04
C ARG A 345 7.35 0.86 34.87
N TYR A 346 8.11 1.95 34.87
CA TYR A 346 9.54 1.93 34.55
C TYR A 346 10.22 3.25 34.92
N VAL A 347 11.55 3.23 34.95
CA VAL A 347 12.37 4.42 35.21
C VAL A 347 12.77 5.14 33.88
N PRO A 348 12.78 6.50 33.86
CA PRO A 348 13.38 7.23 32.72
C PRO A 348 14.87 6.87 32.46
N ASN A 349 15.26 6.81 31.19
CA ASN A 349 16.62 6.40 30.78
C ASN A 349 17.16 7.18 29.56
N GLN A 350 16.74 8.45 29.43
CA GLN A 350 17.20 9.35 28.37
C GLN A 350 16.98 8.83 26.94
N GLY A 351 15.87 8.14 26.73
CA GLY A 351 15.49 7.64 25.42
C GLY A 351 16.28 6.45 24.90
N GLN A 352 17.04 5.78 25.77
CA GLN A 352 17.85 4.61 25.39
C GLN A 352 16.99 3.33 25.26
N PRO A 353 17.52 2.26 24.61
CA PRO A 353 16.76 1.02 24.50
C PRO A 353 16.45 0.37 25.87
N HIS A 354 15.20 -0.02 26.08
CA HIS A 354 14.81 -0.74 27.30
C HIS A 354 15.12 -2.24 27.18
N ARG A 355 15.25 -2.90 28.33
CA ARG A 355 15.26 -4.37 28.41
C ARG A 355 14.08 -4.82 29.27
N GLY A 356 13.74 -6.10 29.19
CA GLY A 356 12.57 -6.66 29.86
C GLY A 356 12.49 -6.36 31.36
N PRO A 357 13.59 -6.61 32.10
CA PRO A 357 13.59 -6.31 33.55
C PRO A 357 13.40 -4.83 33.94
N ASP A 358 13.41 -3.89 33.00
CA ASP A 358 13.07 -2.49 33.27
C ASP A 358 11.63 -2.27 33.69
N PHE A 359 10.74 -3.20 33.34
CA PHE A 359 9.32 -3.01 33.46
C PHE A 359 8.67 -3.80 34.61
N THR A 360 7.75 -3.13 35.30
CA THR A 360 6.84 -3.72 36.25
C THR A 360 5.44 -3.54 35.70
N TYR A 361 4.59 -4.56 35.81
CA TYR A 361 3.26 -4.56 35.19
C TYR A 361 2.22 -4.64 36.31
N PRO A 362 1.38 -3.60 36.48
CA PRO A 362 0.44 -3.66 37.62
C PRO A 362 -0.64 -4.72 37.46
N SER A 363 -0.99 -5.36 38.56
CA SER A 363 -1.98 -6.44 38.55
C SER A 363 -3.36 -5.97 38.08
N ASP A 364 -3.70 -4.71 38.29
CA ASP A 364 -4.98 -4.14 37.81
C ASP A 364 -4.84 -3.36 36.50
N GLY A 365 -3.72 -3.47 35.81
CA GLY A 365 -3.48 -2.74 34.56
C GLY A 365 -3.95 -3.53 33.35
N ALA A 366 -3.81 -2.93 32.18
CA ALA A 366 -4.25 -3.55 30.96
C ALA A 366 -3.50 -4.88 30.65
N TRP A 367 -2.20 -4.94 30.93
CA TRP A 367 -1.34 -6.11 30.66
C TRP A 367 -0.60 -6.50 31.94
N PRO A 368 -1.26 -7.27 32.82
CA PRO A 368 -0.61 -7.64 34.10
C PRO A 368 0.57 -8.57 33.97
N ASP A 369 0.72 -9.31 32.85
CA ASP A 369 1.85 -10.20 32.65
C ASP A 369 1.97 -10.58 31.15
N PRO A 370 2.38 -9.63 30.31
CA PRO A 370 2.44 -9.92 28.85
C PRO A 370 3.40 -11.04 28.45
N ALA A 371 4.49 -11.24 29.19
CA ALA A 371 5.37 -12.40 28.98
C ALA A 371 4.64 -13.72 29.27
N GLY A 372 3.81 -13.73 30.32
CA GLY A 372 2.98 -14.89 30.64
C GLY A 372 1.94 -15.15 29.55
N MET A 373 1.32 -14.08 29.05
CA MET A 373 0.41 -14.20 27.90
C MET A 373 1.12 -14.83 26.71
N ILE A 374 2.32 -14.35 26.38
CA ILE A 374 3.03 -14.84 25.18
C ILE A 374 3.47 -16.30 25.38
N ARG A 375 4.00 -16.62 26.57
CA ARG A 375 4.39 -18.01 26.93
C ARG A 375 3.21 -18.96 26.81
N GLU A 376 2.07 -18.55 27.37
CA GLU A 376 0.87 -19.36 27.39
C GLU A 376 0.29 -19.54 25.97
N LEU A 377 0.27 -18.46 25.18
CA LEU A 377 -0.18 -18.56 23.80
C LEU A 377 0.69 -19.52 22.98
N HIS A 378 2.00 -19.47 23.17
CA HIS A 378 2.91 -20.39 22.51
C HIS A 378 2.63 -21.83 22.90
N GLU A 379 2.32 -22.05 24.17
CA GLU A 379 1.97 -23.37 24.69
C GLU A 379 0.72 -23.94 24.01
N ARG A 380 -0.22 -23.05 23.67
CA ARG A 380 -1.43 -23.42 22.92
C ARG A 380 -1.23 -23.52 21.40
N GLY A 381 -0.02 -23.28 20.90
CA GLY A 381 0.26 -23.31 19.46
C GLY A 381 -0.07 -22.03 18.71
N ILE A 382 -0.02 -20.89 19.41
CA ILE A 382 -0.39 -19.58 18.85
C ILE A 382 0.82 -18.64 18.89
N ARG A 383 1.16 -18.03 17.76
CA ARG A 383 2.21 -17.01 17.69
C ARG A 383 1.63 -15.61 17.81
N VAL A 384 2.43 -14.66 18.26
CA VAL A 384 1.95 -13.33 18.64
C VAL A 384 2.67 -12.26 17.82
N ILE A 385 1.89 -11.36 17.23
CA ILE A 385 2.38 -10.27 16.36
C ILE A 385 1.93 -8.92 16.94
N LEU A 386 2.86 -7.96 17.02
CA LEU A 386 2.54 -6.64 17.53
C LEU A 386 2.61 -5.59 16.43
N TRP A 387 1.69 -4.65 16.50
CA TRP A 387 1.56 -3.57 15.54
C TRP A 387 2.62 -2.50 15.74
N GLN A 388 2.98 -1.87 14.63
CA GLN A 388 4.02 -0.84 14.59
C GLN A 388 3.70 0.17 13.50
N ILE A 389 4.32 1.34 13.63
CA ILE A 389 4.23 2.43 12.66
C ILE A 389 5.63 3.04 12.54
N PRO A 390 6.07 3.47 11.32
CA PRO A 390 7.40 4.09 11.20
C PRO A 390 7.32 5.61 11.35
N LEU A 391 6.82 6.06 12.50
CA LEU A 391 6.68 7.47 12.86
C LEU A 391 6.87 7.62 14.36
N GLN A 392 7.29 8.80 14.79
CA GLN A 392 7.43 9.11 16.20
C GLN A 392 6.63 10.38 16.45
N LYS A 393 5.49 10.22 17.12
CA LYS A 393 4.63 11.34 17.49
C LYS A 393 5.38 12.42 18.28
N THR A 394 5.04 13.67 18.02
CA THR A 394 5.58 14.82 18.74
C THR A 394 4.51 15.71 19.37
N ASP A 395 3.29 15.20 19.51
CA ASP A 395 2.18 15.98 20.10
C ASP A 395 2.59 16.63 21.44
N ASP A 396 2.09 17.85 21.68
CA ASP A 396 2.45 18.59 22.89
C ASP A 396 2.01 17.94 24.21
N ASP A 397 0.97 17.12 24.14
CA ASP A 397 0.41 16.40 25.30
C ASP A 397 1.09 15.07 25.67
N LEU A 398 2.15 14.68 24.95
CA LEU A 398 2.82 13.39 25.21
C LEU A 398 3.48 13.39 26.59
N GLY A 399 3.64 12.20 27.17
CA GLY A 399 4.30 12.02 28.46
C GLY A 399 5.83 12.12 28.31
N PRO A 400 6.54 12.13 29.45
CA PRO A 400 8.01 12.27 29.44
C PRO A 400 8.78 11.24 28.60
N GLU A 401 8.35 9.98 28.62
CA GLU A 401 9.10 8.92 27.94
C GLU A 401 9.05 9.12 26.42
N ALA A 402 7.87 9.42 25.87
CA ALA A 402 7.72 9.63 24.42
C ALA A 402 8.44 10.88 23.92
N LEU A 403 8.50 11.91 24.76
CA LEU A 403 9.29 13.09 24.41
C LEU A 403 10.79 12.80 24.43
N ALA A 404 11.28 12.08 25.43
CA ALA A 404 12.69 11.64 25.48
C ALA A 404 13.07 10.74 24.28
N GLN A 405 12.20 9.80 23.94
CA GLN A 405 12.39 8.92 22.79
C GLN A 405 12.57 9.74 21.48
N GLY A 406 11.69 10.72 21.29
CA GLY A 406 11.73 11.63 20.13
C GLY A 406 12.98 12.49 20.07
N ASN A 407 13.38 13.04 21.21
CA ASN A 407 14.62 13.81 21.30
C ASN A 407 15.85 12.97 21.02
N ALA A 408 15.88 11.75 21.54
CA ALA A 408 16.96 10.81 21.24
C ALA A 408 16.98 10.47 19.75
N LEU A 409 15.81 10.25 19.15
CA LEU A 409 15.71 10.02 17.68
C LEU A 409 16.38 11.15 16.89
N ILE A 410 15.95 12.38 17.17
CA ILE A 410 16.51 13.58 16.53
C ILE A 410 18.01 13.64 16.78
N ALA A 411 18.43 13.49 18.04
CA ALA A 411 19.84 13.66 18.41
C ALA A 411 20.74 12.60 17.77
N SER A 412 20.18 11.43 17.43
CA SER A 412 20.90 10.38 16.71
C SER A 412 21.24 10.73 15.27
N GLY A 413 20.58 11.74 14.71
CA GLY A 413 20.68 12.05 13.30
C GLY A 413 19.79 11.18 12.40
N HIS A 414 19.26 10.06 12.91
CA HIS A 414 18.60 9.09 12.05
C HIS A 414 17.12 9.41 11.84
N VAL A 415 16.86 10.63 11.34
CA VAL A 415 15.54 11.08 10.93
C VAL A 415 15.58 11.55 9.48
N VAL A 416 14.47 11.35 8.78
CA VAL A 416 14.30 11.92 7.44
C VAL A 416 14.26 13.44 7.64
N LYS A 417 14.86 14.18 6.71
CA LYS A 417 15.02 15.62 6.85
C LYS A 417 14.41 16.40 5.71
N GLU A 418 13.99 17.62 6.02
CA GLU A 418 13.55 18.61 5.03
C GLU A 418 14.78 19.06 4.23
N PRO A 419 14.59 19.74 3.08
CA PRO A 419 15.74 20.30 2.32
C PRO A 419 16.72 21.08 3.21
N ASP A 420 16.19 21.86 4.15
CA ASP A 420 17.01 22.69 5.06
C ASP A 420 17.72 21.97 6.23
N GLY A 421 17.70 20.64 6.25
CA GLY A 421 18.40 19.88 7.29
C GLY A 421 17.65 19.64 8.60
N THR A 422 16.56 20.36 8.85
CA THR A 422 15.78 20.09 10.05
C THR A 422 14.94 18.82 9.84
N PRO A 423 14.37 18.25 10.91
CA PRO A 423 13.59 17.01 10.76
C PRO A 423 12.30 17.14 9.94
N TYR A 424 12.03 16.16 9.09
CA TYR A 424 10.74 16.11 8.35
C TYR A 424 9.60 15.93 9.34
N LYS A 425 8.59 16.78 9.21
CA LYS A 425 7.38 16.70 10.02
C LYS A 425 6.27 16.18 9.12
N ASN A 426 5.69 15.03 9.48
CA ASN A 426 4.74 14.34 8.60
C ASN A 426 3.62 15.26 8.09
N ARG A 427 3.50 15.33 6.76
CA ARG A 427 2.53 16.20 6.10
C ARG A 427 1.16 15.54 5.93
N GLY A 428 1.09 14.25 6.21
CA GLY A 428 -0.14 13.49 6.09
C GLY A 428 -1.18 13.76 7.16
N TRP A 429 -2.35 13.17 6.95
CA TRP A 429 -3.50 13.26 7.86
C TRP A 429 -3.38 12.25 9.02
N TRP A 430 -2.60 11.18 8.85
CA TRP A 430 -2.39 10.18 9.90
C TRP A 430 -1.11 10.46 10.71
N PHE A 431 -1.29 10.68 12.03
CA PHE A 431 -0.21 11.15 12.90
C PHE A 431 0.44 12.39 12.27
N PRO A 432 -0.33 13.49 12.13
CA PRO A 432 0.24 14.68 11.50
C PRO A 432 1.40 15.24 12.35
N ASN A 433 2.41 15.80 11.67
CA ASN A 433 3.60 16.42 12.28
C ASN A 433 4.57 15.48 13.00
N ALA A 434 4.35 14.18 12.91
CA ALA A 434 5.26 13.21 13.54
C ALA A 434 6.62 13.18 12.83
N LEU A 435 7.64 12.79 13.57
CA LEU A 435 8.97 12.57 13.01
C LEU A 435 8.94 11.24 12.29
N MET A 436 9.82 11.08 11.32
CA MET A 436 9.88 9.87 10.53
C MET A 436 11.32 9.35 10.57
N PRO A 437 11.57 8.14 11.13
CA PRO A 437 12.93 7.66 11.23
C PRO A 437 13.50 7.34 9.86
N ASP A 438 14.80 7.56 9.71
CA ASP A 438 15.52 7.26 8.50
C ASP A 438 15.97 5.81 8.55
N LEU A 439 15.29 4.97 7.78
CA LEU A 439 15.61 3.53 7.69
C LEU A 439 16.41 3.21 6.42
N SER A 440 17.03 4.24 5.84
CA SER A 440 17.69 4.11 4.53
C SER A 440 19.13 3.59 4.64
N THR A 441 19.69 3.60 5.86
CA THR A 441 21.00 3.01 6.14
C THR A 441 20.91 2.05 7.29
N GLU A 442 21.92 1.21 7.41
CA GLU A 442 21.97 0.15 8.43
C GLU A 442 21.94 0.74 9.85
N ALA A 443 22.76 1.76 10.08
CA ALA A 443 22.83 2.45 11.38
C ALA A 443 21.45 3.03 11.80
N GLY A 444 20.75 3.60 10.84
CA GLY A 444 19.40 4.12 11.05
C GLY A 444 18.37 3.05 11.38
N ARG A 445 18.42 1.94 10.66
CA ARG A 445 17.50 0.82 10.89
C ARG A 445 17.76 0.20 12.24
N GLN A 446 19.03 0.05 12.60
CA GLN A 446 19.40 -0.51 13.91
C GLN A 446 19.02 0.37 15.08
N TRP A 447 19.18 1.68 14.91
CA TRP A 447 18.81 2.61 15.97
C TRP A 447 17.31 2.49 16.29
N TRP A 448 16.46 2.54 15.27
CA TRP A 448 15.01 2.43 15.45
C TRP A 448 14.58 1.07 16.02
N THR A 449 15.07 -0.01 15.40
CA THR A 449 14.69 -1.35 15.83
C THR A 449 15.26 -1.80 17.16
N GLU A 450 16.43 -1.27 17.55
CA GLU A 450 17.01 -1.59 18.86
C GLU A 450 16.09 -1.20 20.00
N GLN A 451 15.34 -0.12 19.82
CA GLN A 451 14.30 0.31 20.79
C GLN A 451 13.24 -0.78 21.05
N ARG A 452 13.02 -1.66 20.06
CA ARG A 452 12.04 -2.76 20.11
C ARG A 452 12.63 -4.13 20.37
N ARG A 453 13.96 -4.26 20.42
CA ARG A 453 14.60 -5.57 20.47
C ARG A 453 14.11 -6.40 21.65
N TYR A 454 13.96 -5.76 22.81
CA TYR A 454 13.50 -6.49 24.02
C TYR A 454 12.13 -7.19 23.84
N LEU A 455 11.28 -6.69 22.95
CA LEU A 455 9.99 -7.34 22.66
C LEU A 455 10.24 -8.74 22.06
N VAL A 456 11.27 -8.86 21.23
CA VAL A 456 11.61 -10.15 20.63
C VAL A 456 12.44 -11.01 21.57
N GLU A 457 13.53 -10.44 22.13
CA GLU A 457 14.48 -11.23 22.90
C GLU A 457 14.01 -11.56 24.31
N ASP A 458 13.30 -10.65 24.96
CA ASP A 458 12.90 -10.86 26.35
C ASP A 458 11.42 -11.30 26.49
N LEU A 459 10.51 -10.73 25.71
CA LEU A 459 9.09 -11.10 25.73
C LEU A 459 8.72 -12.20 24.74
N ASP A 460 9.58 -12.41 23.73
CA ASP A 460 9.47 -13.59 22.85
C ASP A 460 8.37 -13.51 21.80
N ILE A 461 7.94 -12.31 21.40
CA ILE A 461 7.03 -12.17 20.26
C ILE A 461 7.64 -12.71 18.94
N ASP A 462 6.76 -12.98 17.99
CA ASP A 462 7.11 -13.73 16.79
C ASP A 462 7.14 -12.93 15.51
N GLY A 463 6.72 -11.66 15.55
CA GLY A 463 6.67 -10.84 14.34
C GLY A 463 5.96 -9.53 14.61
N PHE A 464 5.87 -8.71 13.57
CA PHE A 464 5.38 -7.34 13.69
C PHE A 464 4.44 -7.05 12.52
N LYS A 465 3.35 -6.33 12.80
CA LYS A 465 2.48 -5.82 11.76
C LYS A 465 3.01 -4.43 11.52
N THR A 466 3.82 -4.34 10.47
CA THR A 466 4.56 -3.14 10.13
C THR A 466 3.66 -2.29 9.26
N ASP A 467 2.78 -1.54 9.90
CA ASP A 467 1.71 -0.79 9.25
C ASP A 467 2.26 0.54 8.73
N GLY A 468 1.48 1.22 7.90
CA GLY A 468 1.89 2.52 7.36
C GLY A 468 3.03 2.44 6.36
N GLY A 469 4.00 3.35 6.47
CA GLY A 469 5.08 3.54 5.51
C GLY A 469 4.94 4.51 4.34
N GLU A 470 3.76 5.10 4.14
CA GLU A 470 3.50 5.97 2.99
C GLU A 470 3.66 7.47 3.29
N HIS A 471 4.30 7.78 4.41
CA HIS A 471 4.19 9.13 4.98
C HIS A 471 5.10 10.19 4.35
N ALA A 472 6.16 9.79 3.64
CA ALA A 472 7.15 10.76 3.12
C ALA A 472 6.64 11.48 1.88
N TRP A 473 6.30 12.75 2.02
CA TRP A 473 5.92 13.61 0.89
C TRP A 473 6.97 14.71 0.76
N GLY A 474 7.49 14.88 -0.44
CA GLY A 474 8.43 15.94 -0.74
C GLY A 474 9.55 15.41 -1.58
N SER A 475 9.68 15.92 -2.80
CA SER A 475 10.69 15.44 -3.73
C SER A 475 12.12 15.83 -3.28
N ASP A 476 12.25 16.86 -2.45
CA ASP A 476 13.56 17.32 -1.95
C ASP A 476 13.87 16.98 -0.47
N LEU A 477 13.16 16.00 0.12
CA LEU A 477 13.58 15.46 1.43
C LEU A 477 15.00 14.85 1.32
N ARG A 478 15.65 14.67 2.47
CA ARG A 478 17.01 14.14 2.51
C ARG A 478 17.06 12.88 3.37
N TYR A 479 17.67 11.85 2.81
CA TYR A 479 17.89 10.56 3.46
C TYR A 479 19.39 10.37 3.63
N GLU A 480 19.79 9.65 4.68
CA GLU A 480 21.22 9.38 4.95
C GLU A 480 21.91 8.47 3.93
N ASP A 481 21.17 7.68 3.15
CA ASP A 481 21.79 6.93 2.03
C ASP A 481 22.23 7.80 0.85
N GLY A 482 21.89 9.10 0.85
CA GLY A 482 22.24 10.00 -0.24
C GLY A 482 21.08 10.29 -1.18
N ARG A 483 20.00 9.52 -1.12
CA ARG A 483 18.84 9.79 -1.97
C ARG A 483 18.08 11.02 -1.47
N ARG A 484 17.40 11.67 -2.42
CA ARG A 484 16.42 12.68 -2.08
C ARG A 484 15.03 12.06 -2.12
N GLY A 485 14.04 12.82 -1.66
CA GLY A 485 12.66 12.34 -1.57
C GLY A 485 12.11 11.79 -2.86
N ASP A 486 12.47 12.40 -3.99
CA ASP A 486 12.07 11.93 -5.30
C ASP A 486 12.31 10.44 -5.53
N GLU A 487 13.41 9.90 -4.99
CA GLU A 487 13.70 8.46 -5.05
C GLU A 487 13.45 7.70 -3.75
N GLY A 488 13.69 8.36 -2.62
CA GLY A 488 13.58 7.73 -1.33
C GLY A 488 12.17 7.45 -0.81
N ASN A 489 11.20 8.25 -1.19
CA ASN A 489 9.85 8.18 -0.60
C ASN A 489 9.09 6.87 -0.97
N ASN A 490 9.18 6.45 -2.22
CA ASN A 490 8.64 5.14 -2.65
C ASN A 490 9.39 3.94 -2.11
N LEU A 491 10.69 4.12 -1.89
CA LEU A 491 11.55 3.08 -1.37
C LEU A 491 11.33 2.85 0.14
N TYR A 492 10.82 3.88 0.83
CA TYR A 492 10.69 3.86 2.28
C TYR A 492 10.04 2.57 2.85
N PRO A 493 8.86 2.16 2.34
CA PRO A 493 8.27 0.94 2.89
C PRO A 493 9.13 -0.33 2.73
N VAL A 494 9.97 -0.41 1.70
CA VAL A 494 10.88 -1.54 1.54
C VAL A 494 11.92 -1.55 2.67
N ASN A 495 12.56 -0.41 2.91
CA ASN A 495 13.53 -0.28 3.99
C ASN A 495 12.93 -0.54 5.38
N TYR A 496 11.68 -0.13 5.53
CA TYR A 496 10.94 -0.31 6.77
C TYR A 496 10.65 -1.79 7.10
N ALA A 497 10.09 -2.52 6.13
CA ALA A 497 9.90 -3.97 6.30
C ALA A 497 11.25 -4.66 6.47
N ARG A 498 12.23 -4.29 5.65
CA ARG A 498 13.57 -4.84 5.82
C ARG A 498 14.15 -4.66 7.24
N ALA A 499 14.00 -3.47 7.79
CA ALA A 499 14.54 -3.15 9.12
C ALA A 499 13.99 -4.09 10.18
N TYR A 500 12.69 -4.33 10.14
CA TYR A 500 12.05 -5.20 11.12
C TYR A 500 12.33 -6.68 10.88
N GLY A 501 12.44 -7.07 9.61
CA GLY A 501 12.92 -8.42 9.27
C GLY A 501 14.32 -8.69 9.82
N ASP A 502 15.22 -7.73 9.66
CA ASP A 502 16.59 -7.84 10.18
C ASP A 502 16.60 -7.99 11.70
N LEU A 503 15.74 -7.24 12.40
CA LEU A 503 15.63 -7.35 13.86
C LEU A 503 15.26 -8.78 14.24
N LEU A 504 14.18 -9.28 13.64
CA LEU A 504 13.65 -10.59 13.96
C LEU A 504 14.71 -11.67 13.70
N ARG A 505 15.36 -11.57 12.54
CA ARG A 505 16.41 -12.50 12.16
C ARG A 505 17.64 -12.45 13.10
N SER A 506 18.02 -11.27 13.56
CA SER A 506 19.16 -11.17 14.50
C SER A 506 18.80 -11.68 15.91
N ALA A 507 17.51 -11.84 16.22
CA ALA A 507 17.04 -12.41 17.49
C ALA A 507 16.70 -13.92 17.44
N GLY A 508 17.11 -14.62 16.38
CA GLY A 508 16.83 -16.05 16.25
C GLY A 508 15.44 -16.41 15.73
N LYS A 509 14.77 -15.47 15.05
CA LYS A 509 13.42 -15.68 14.53
C LYS A 509 13.41 -15.59 13.02
N TYR A 510 12.30 -16.04 12.42
CA TYR A 510 11.99 -15.78 11.01
C TYR A 510 11.50 -14.33 10.79
N PRO A 511 11.79 -13.74 9.61
CA PRO A 511 11.39 -12.35 9.33
C PRO A 511 9.92 -12.17 8.97
N VAL A 512 9.05 -12.44 9.93
CA VAL A 512 7.63 -12.32 9.74
C VAL A 512 7.23 -10.88 10.05
N THR A 513 7.21 -10.07 9.01
CA THR A 513 6.64 -8.75 9.03
C THR A 513 5.38 -8.83 8.19
N PHE A 514 4.38 -8.04 8.55
CA PHE A 514 3.07 -8.02 7.90
C PHE A 514 2.76 -6.56 7.56
N SER A 515 2.81 -6.22 6.25
CA SER A 515 2.79 -4.81 5.80
C SER A 515 1.71 -4.59 4.79
N ARG A 516 1.30 -3.34 4.60
CA ARG A 516 0.36 -2.98 3.55
C ARG A 516 1.02 -2.27 2.37
N SER A 517 2.09 -1.52 2.63
CA SER A 517 2.73 -0.74 1.56
C SER A 517 4.08 -1.31 1.15
N GLY A 518 4.44 -0.99 -0.08
CA GLY A 518 5.66 -1.50 -0.64
C GLY A 518 5.98 -0.92 -1.98
N PHE A 519 7.02 -1.48 -2.58
CA PHE A 519 7.50 -1.08 -3.87
C PHE A 519 8.42 -2.21 -4.39
N THR A 520 9.03 -2.05 -5.57
CA THR A 520 10.11 -2.94 -6.03
C THR A 520 11.08 -3.27 -4.89
N GLY A 521 11.32 -4.56 -4.68
CA GLY A 521 12.10 -5.03 -3.51
C GLY A 521 11.30 -5.57 -2.34
N SER A 522 10.04 -5.16 -2.18
CA SER A 522 9.15 -5.69 -1.12
C SER A 522 8.98 -7.20 -1.16
N GLN A 523 9.13 -7.79 -2.35
CA GLN A 523 9.09 -9.25 -2.55
C GLN A 523 9.91 -10.01 -1.53
N ALA A 524 11.10 -9.51 -1.21
CA ALA A 524 12.01 -10.18 -0.31
C ALA A 524 11.77 -9.95 1.19
N HIS A 525 10.74 -9.17 1.57
CA HIS A 525 10.56 -8.74 2.97
C HIS A 525 9.16 -9.01 3.54
N GLY A 526 8.88 -10.28 3.80
CA GLY A 526 7.77 -10.66 4.66
C GLY A 526 6.46 -10.91 3.94
N LEU A 527 5.38 -10.61 4.67
CA LEU A 527 4.00 -10.82 4.26
C LEU A 527 3.32 -9.47 4.00
N TYR A 528 2.21 -9.52 3.25
CA TYR A 528 1.47 -8.32 2.82
C TYR A 528 -0.04 -8.58 2.92
N TRP A 529 -0.79 -7.54 3.33
CA TRP A 529 -2.26 -7.57 3.26
C TRP A 529 -2.78 -6.38 2.46
N ALA A 530 -4.01 -6.51 1.96
CA ALA A 530 -4.60 -5.59 0.99
C ALA A 530 -5.02 -4.22 1.53
N GLY A 531 -4.90 -4.00 2.83
CA GLY A 531 -5.20 -2.70 3.43
C GLY A 531 -6.63 -2.57 3.89
N ALA A 532 -7.11 -1.35 3.95
CA ALA A 532 -8.37 -1.04 4.60
C ALA A 532 -9.51 -1.04 3.59
N GLU A 533 -10.60 -1.72 3.92
CA GLU A 533 -11.84 -1.66 3.14
C GLU A 533 -13.11 -1.78 3.99
N ASP A 534 -14.21 -1.39 3.39
CA ASP A 534 -15.54 -1.63 3.96
C ASP A 534 -15.95 -3.09 3.77
N SER A 535 -17.01 -3.46 4.47
CA SER A 535 -17.58 -4.81 4.42
C SER A 535 -18.66 -4.90 3.33
N THR A 536 -18.21 -4.87 2.07
CA THR A 536 -19.08 -4.93 0.89
C THR A 536 -18.68 -6.02 -0.12
N TRP A 537 -19.62 -6.36 -0.99
CA TRP A 537 -19.36 -7.27 -2.10
C TRP A 537 -18.37 -6.67 -3.08
N GLU A 538 -18.53 -5.40 -3.40
CA GLU A 538 -17.60 -4.71 -4.29
C GLU A 538 -16.15 -4.80 -3.74
N ALA A 539 -15.99 -4.61 -2.42
CA ALA A 539 -14.65 -4.68 -1.79
C ALA A 539 -14.07 -6.10 -1.78
N PHE A 540 -14.94 -7.09 -1.65
CA PHE A 540 -14.54 -8.51 -1.76
C PHE A 540 -13.93 -8.77 -3.17
N ARG A 541 -14.66 -8.39 -4.21
CA ARG A 541 -14.21 -8.61 -5.60
C ARG A 541 -12.89 -7.90 -5.87
N SER A 542 -12.80 -6.65 -5.43
CA SER A 542 -11.57 -5.87 -5.55
C SER A 542 -10.39 -6.50 -4.80
N SER A 543 -10.65 -7.09 -3.64
CA SER A 543 -9.60 -7.78 -2.86
C SER A 543 -9.06 -9.03 -3.55
N ILE A 544 -9.92 -9.77 -4.24
CA ILE A 544 -9.47 -10.92 -5.02
C ILE A 544 -8.49 -10.47 -6.13
N THR A 545 -8.88 -9.39 -6.81
CA THR A 545 -8.04 -8.80 -7.86
C THR A 545 -6.71 -8.29 -7.29
N ALA A 546 -6.75 -7.70 -6.09
CA ALA A 546 -5.54 -7.27 -5.39
C ALA A 546 -4.53 -8.42 -5.16
N GLY A 547 -5.02 -9.56 -4.71
CA GLY A 547 -4.16 -10.72 -4.45
C GLY A 547 -3.56 -11.34 -5.69
N ILE A 548 -4.34 -11.43 -6.77
CA ILE A 548 -3.88 -12.03 -8.02
C ILE A 548 -2.84 -11.13 -8.67
N THR A 549 -3.11 -9.81 -8.73
CA THR A 549 -2.18 -8.86 -9.32
C THR A 549 -0.90 -8.72 -8.49
N ALA A 550 -1.03 -8.73 -7.16
CA ALA A 550 0.13 -8.75 -6.27
C ALA A 550 0.99 -9.99 -6.52
N GLY A 551 0.35 -11.14 -6.61
CA GLY A 551 1.04 -12.39 -6.93
C GLY A 551 1.76 -12.32 -8.26
N ALA A 552 1.17 -11.61 -9.23
CA ALA A 552 1.77 -11.44 -10.55
C ALA A 552 3.01 -10.50 -10.59
N CYS A 553 3.34 -9.87 -9.47
CA CYS A 553 4.56 -9.08 -9.34
C CYS A 553 5.48 -9.60 -8.28
N GLY A 554 5.21 -10.82 -7.78
CA GLY A 554 6.12 -11.51 -6.84
C GLY A 554 5.82 -11.35 -5.36
N ILE A 555 4.66 -10.77 -5.03
CA ILE A 555 4.20 -10.65 -3.66
C ILE A 555 3.45 -11.91 -3.35
N LEU A 556 4.14 -12.86 -2.74
CA LEU A 556 3.66 -14.22 -2.61
C LEU A 556 2.76 -14.46 -1.40
N TYR A 557 3.16 -13.88 -0.26
CA TYR A 557 2.50 -14.14 1.01
C TYR A 557 1.50 -12.99 1.27
N TRP A 558 0.40 -13.06 0.51
CA TRP A 558 -0.62 -12.05 0.50
C TRP A 558 -1.89 -12.54 1.26
N GLY A 559 -2.51 -11.58 1.94
CA GLY A 559 -3.79 -11.79 2.60
C GLY A 559 -4.63 -10.53 2.55
N TRP A 560 -5.79 -10.62 3.20
CA TRP A 560 -6.69 -9.48 3.29
C TRP A 560 -7.53 -9.63 4.56
N ASP A 561 -8.15 -8.53 4.98
CA ASP A 561 -9.11 -8.52 6.08
C ASP A 561 -10.39 -9.14 5.55
N LEU A 562 -10.60 -10.42 5.82
CA LEU A 562 -11.70 -11.13 5.19
C LEU A 562 -13.06 -10.51 5.58
N ALA A 563 -13.90 -10.30 4.56
CA ALA A 563 -15.20 -9.66 4.65
C ALA A 563 -15.17 -8.16 5.02
N GLY A 564 -14.00 -7.51 4.99
CA GLY A 564 -13.85 -6.12 5.41
C GLY A 564 -13.73 -5.93 6.92
N PHE A 565 -12.93 -4.93 7.28
CA PHE A 565 -12.66 -4.58 8.68
C PHE A 565 -13.40 -3.32 9.17
N SER A 566 -13.88 -2.48 8.26
CA SER A 566 -14.40 -1.14 8.64
C SER A 566 -15.92 -1.04 8.56
N GLY A 567 -16.49 -0.28 9.50
CA GLY A 567 -17.92 -0.09 9.58
C GLY A 567 -18.69 -1.28 10.17
N PRO A 568 -20.04 -1.29 10.02
CA PRO A 568 -20.85 -2.37 10.57
C PRO A 568 -20.35 -3.76 10.13
N VAL A 569 -20.56 -4.77 10.97
CA VAL A 569 -20.12 -6.11 10.59
C VAL A 569 -20.71 -6.51 9.24
N PRO A 570 -19.99 -7.35 8.49
CA PRO A 570 -20.53 -7.82 7.23
C PRO A 570 -21.84 -8.56 7.39
N GLU A 571 -22.71 -8.46 6.39
CA GLU A 571 -23.90 -9.30 6.38
C GLU A 571 -23.46 -10.77 6.40
N ALA A 572 -24.32 -11.64 6.91
CA ALA A 572 -23.93 -13.04 7.15
C ALA A 572 -23.42 -13.75 5.89
N GLU A 573 -24.06 -13.48 4.75
CA GLU A 573 -23.74 -14.16 3.51
C GLU A 573 -22.36 -13.75 2.96
N LEU A 574 -22.00 -12.49 3.13
CA LEU A 574 -20.68 -12.01 2.74
C LEU A 574 -19.60 -12.63 3.61
N TYR A 575 -19.86 -12.74 4.91
CA TYR A 575 -18.90 -13.34 5.81
C TYR A 575 -18.62 -14.77 5.39
N ALA A 576 -19.70 -15.52 5.17
CA ALA A 576 -19.63 -16.92 4.72
C ALA A 576 -18.82 -17.05 3.44
N ARG A 577 -19.19 -16.27 2.42
CA ARG A 577 -18.50 -16.37 1.12
C ARG A 577 -17.05 -15.93 1.24
N ALA A 578 -16.79 -14.90 2.05
CA ALA A 578 -15.44 -14.35 2.21
C ALA A 578 -14.55 -15.27 3.05
N PHE A 579 -15.12 -15.90 4.08
CA PHE A 579 -14.37 -16.83 4.93
C PHE A 579 -13.96 -18.07 4.12
N ALA A 580 -14.86 -18.55 3.27
CA ALA A 580 -14.58 -19.66 2.36
C ALA A 580 -13.46 -19.33 1.38
N ALA A 581 -13.54 -18.14 0.79
CA ALA A 581 -12.53 -17.62 -0.13
C ALA A 581 -11.17 -17.48 0.54
N ALA A 582 -11.16 -16.90 1.74
CA ALA A 582 -9.92 -16.70 2.49
C ALA A 582 -9.23 -18.01 2.83
N THR A 583 -10.01 -19.07 2.99
CA THR A 583 -9.48 -20.42 3.21
C THR A 583 -8.55 -20.88 2.07
N PHE A 584 -8.77 -20.35 0.85
CA PHE A 584 -8.00 -20.71 -0.35
C PHE A 584 -7.15 -19.56 -0.85
N MET A 585 -6.54 -18.83 0.09
CA MET A 585 -5.65 -17.72 -0.22
C MET A 585 -4.40 -17.84 0.64
N PRO A 586 -3.31 -17.15 0.27
CA PRO A 586 -2.07 -17.45 0.96
C PRO A 586 -2.07 -17.16 2.47
N ILE A 587 -2.57 -15.98 2.86
CA ILE A 587 -2.73 -15.63 4.29
C ILE A 587 -4.21 -15.39 4.58
N MET A 588 -4.72 -16.19 5.53
CA MET A 588 -6.13 -16.21 5.95
C MET A 588 -6.23 -15.48 7.28
N GLN A 589 -7.00 -14.39 7.30
CA GLN A 589 -7.01 -13.46 8.43
C GLN A 589 -8.30 -12.65 8.51
N TYR A 590 -8.84 -12.50 9.72
CA TYR A 590 -9.93 -11.57 10.01
C TYR A 590 -9.47 -10.45 10.91
N HIS A 591 -10.14 -9.31 10.81
CA HIS A 591 -9.69 -8.08 11.45
C HIS A 591 -10.86 -7.10 11.62
N SER A 592 -10.75 -6.18 12.57
CA SER A 592 -11.80 -5.18 12.81
C SER A 592 -11.19 -3.85 13.28
N GLU A 593 -11.78 -2.76 12.80
CA GLU A 593 -11.29 -1.41 13.05
C GLU A 593 -11.70 -0.88 14.42
N PHE A 594 -10.92 0.06 14.94
CA PHE A 594 -11.27 0.84 16.15
C PHE A 594 -12.66 1.49 16.01
N HIS A 595 -13.45 1.43 17.08
CA HIS A 595 -14.81 1.97 17.11
C HIS A 595 -15.19 2.48 18.52
N HIS A 596 -14.18 2.96 19.27
CA HIS A 596 -14.36 3.55 20.62
C HIS A 596 -15.02 2.63 21.64
N HIS A 597 -14.88 1.32 21.46
CA HIS A 597 -15.48 0.32 22.35
C HIS A 597 -16.99 0.51 22.56
N GLU A 598 -17.66 0.96 21.51
CA GLU A 598 -19.08 1.30 21.55
C GLU A 598 -19.93 0.14 21.00
N LEU A 599 -21.25 0.28 21.11
CA LEU A 599 -22.17 -0.70 20.54
C LEU A 599 -22.59 -0.23 19.15
N PRO A 600 -22.88 -1.14 18.23
CA PRO A 600 -22.66 -2.59 18.42
C PRO A 600 -21.16 -2.99 18.30
N LEU A 601 -20.79 -4.09 18.96
CA LEU A 601 -19.44 -4.64 18.87
C LEU A 601 -19.06 -4.92 17.40
N ARG A 602 -17.86 -4.50 16.99
CA ARG A 602 -17.46 -4.56 15.58
C ARG A 602 -16.53 -5.71 15.22
N ASP A 603 -16.19 -6.59 16.18
CA ASP A 603 -15.26 -7.73 15.94
C ASP A 603 -15.75 -8.57 14.74
N ARG A 604 -14.80 -9.04 13.91
CA ARG A 604 -15.12 -9.91 12.78
C ARG A 604 -14.89 -11.39 13.15
N THR A 605 -15.07 -11.70 14.44
CA THR A 605 -15.02 -13.06 14.92
C THR A 605 -16.28 -13.76 14.41
N PRO A 606 -16.22 -15.07 14.15
CA PRO A 606 -17.42 -15.79 13.68
C PRO A 606 -18.63 -15.66 14.62
N TRP A 607 -18.38 -15.63 15.93
CA TRP A 607 -19.46 -15.56 16.93
C TRP A 607 -20.07 -14.16 17.02
N ASN A 608 -19.27 -13.10 16.95
CA ASN A 608 -19.85 -11.75 16.94
C ASN A 608 -20.72 -11.52 15.70
N VAL A 609 -20.22 -11.93 14.53
CA VAL A 609 -20.97 -11.73 13.30
C VAL A 609 -22.24 -12.59 13.32
N ALA A 610 -22.12 -13.86 13.75
CA ALA A 610 -23.29 -14.74 13.96
C ALA A 610 -24.34 -14.08 14.86
N GLU A 611 -23.91 -13.57 16.00
CA GLU A 611 -24.81 -12.93 16.97
C GLU A 611 -25.55 -11.73 16.37
N GLN A 612 -24.85 -10.85 15.68
CA GLN A 612 -25.49 -9.63 15.17
C GLN A 612 -26.33 -9.80 13.91
N THR A 613 -26.01 -10.80 13.09
CA THR A 613 -26.77 -11.10 11.86
C THR A 613 -27.92 -12.11 12.11
N GLY A 614 -27.97 -12.73 13.29
CA GLY A 614 -28.96 -13.74 13.63
C GLY A 614 -28.76 -15.04 12.85
N CYS A 615 -27.50 -15.32 12.48
CA CYS A 615 -27.15 -16.50 11.70
C CYS A 615 -26.13 -17.33 12.47
N GLY A 616 -26.63 -18.15 13.38
CA GLY A 616 -25.79 -19.02 14.23
C GLY A 616 -24.91 -19.98 13.46
N GLU A 617 -25.41 -20.41 12.29
CA GLU A 617 -24.71 -21.28 11.35
C GLU A 617 -23.30 -20.79 10.94
N LEU A 618 -23.01 -19.49 11.09
CA LEU A 618 -21.67 -18.97 10.75
C LEU A 618 -20.55 -19.57 11.59
N ILE A 619 -20.86 -19.96 12.84
CA ILE A 619 -19.88 -20.59 13.72
C ILE A 619 -19.54 -21.99 13.16
N ASP A 620 -20.58 -22.78 12.85
CA ASP A 620 -20.43 -24.10 12.17
C ASP A 620 -19.59 -23.98 10.89
N LEU A 621 -19.88 -22.97 10.07
CA LEU A 621 -19.19 -22.76 8.81
C LEU A 621 -17.71 -22.41 9.04
N ALA A 622 -17.43 -21.55 10.01
CA ALA A 622 -16.05 -21.24 10.36
C ALA A 622 -15.30 -22.49 10.87
N ARG A 623 -15.96 -23.33 11.68
CA ARG A 623 -15.38 -24.63 12.09
C ARG A 623 -14.99 -25.44 10.86
N HIS A 624 -15.92 -25.56 9.93
CA HIS A 624 -15.77 -26.36 8.73
C HIS A 624 -14.59 -25.89 7.87
N TYR A 625 -14.57 -24.59 7.57
CA TYR A 625 -13.54 -24.05 6.70
C TYR A 625 -12.17 -23.98 7.39
N THR A 626 -12.14 -23.85 8.71
CA THR A 626 -10.87 -23.81 9.42
C THR A 626 -10.30 -25.25 9.49
N ARG A 627 -11.19 -26.24 9.55
CA ARG A 627 -10.80 -27.67 9.36
C ARG A 627 -10.16 -27.89 7.96
N VAL A 628 -10.79 -27.30 6.94
CA VAL A 628 -10.29 -27.38 5.56
C VAL A 628 -8.92 -26.68 5.48
N ARG A 629 -8.82 -25.50 6.10
CA ARG A 629 -7.56 -24.77 6.17
C ARG A 629 -6.42 -25.61 6.75
N GLU A 630 -6.66 -26.24 7.89
CA GLU A 630 -5.67 -27.13 8.53
C GLU A 630 -5.24 -28.28 7.61
N ALA A 631 -6.20 -28.93 6.96
CA ALA A 631 -5.95 -30.00 6.02
C ALA A 631 -5.13 -29.53 4.82
N LEU A 632 -5.27 -28.25 4.49
CA LEU A 632 -4.58 -27.61 3.37
C LEU A 632 -3.10 -27.23 3.67
N ARG A 633 -2.70 -27.30 4.94
CA ARG A 633 -1.39 -26.80 5.35
C ARG A 633 -0.15 -27.47 4.71
N PRO A 634 -0.11 -28.81 4.62
CA PRO A 634 1.02 -29.43 3.88
C PRO A 634 1.00 -29.09 2.38
N TYR A 635 -0.17 -28.92 1.78
CA TYR A 635 -0.27 -28.44 0.39
C TYR A 635 0.32 -27.01 0.22
N LEU A 636 -0.04 -26.11 1.13
CA LEU A 636 0.48 -24.73 1.09
C LEU A 636 2.01 -24.65 1.29
N VAL A 637 2.51 -25.50 2.19
CA VAL A 637 3.95 -25.59 2.44
C VAL A 637 4.71 -26.14 1.22
N ALA A 638 4.20 -27.22 0.63
CA ALA A 638 4.86 -27.85 -0.51
C ALA A 638 4.79 -26.94 -1.73
N GLN A 639 3.63 -26.35 -1.98
CA GLN A 639 3.49 -25.45 -3.13
C GLN A 639 4.27 -24.16 -2.97
N THR A 640 4.37 -23.67 -1.73
CA THR A 640 5.21 -22.51 -1.44
C THR A 640 6.68 -22.81 -1.75
N ARG A 641 7.15 -24.00 -1.39
CA ARG A 641 8.51 -24.41 -1.77
C ARG A 641 8.72 -24.36 -3.27
N GLN A 642 7.78 -24.92 -4.03
CA GLN A 642 7.89 -24.94 -5.50
C GLN A 642 7.86 -23.52 -6.06
N CYS A 643 7.02 -22.66 -5.48
CA CYS A 643 6.94 -21.26 -5.87
C CYS A 643 8.29 -20.55 -5.74
N LEU A 644 9.00 -20.77 -4.63
CA LEU A 644 10.33 -20.19 -4.45
C LEU A 644 11.34 -20.71 -5.47
N GLN A 645 11.21 -21.97 -5.89
CA GLN A 645 12.08 -22.58 -6.90
C GLN A 645 11.77 -22.07 -8.32
N THR A 646 10.49 -22.04 -8.67
CA THR A 646 10.07 -21.69 -10.04
C THR A 646 9.80 -20.23 -10.30
N GLY A 647 9.51 -19.46 -9.24
CA GLY A 647 9.08 -18.07 -9.39
C GLY A 647 7.60 -17.86 -9.72
N LYS A 648 6.82 -18.94 -9.84
CA LYS A 648 5.39 -18.79 -10.07
C LYS A 648 4.70 -18.33 -8.77
N PRO A 649 3.60 -17.57 -8.90
CA PRO A 649 2.84 -17.20 -7.70
C PRO A 649 2.13 -18.38 -7.05
N LEU A 650 1.78 -18.21 -5.77
CA LEU A 650 0.97 -19.17 -5.03
C LEU A 650 -0.49 -18.88 -5.36
N MET A 651 -0.93 -17.63 -5.15
CA MET A 651 -2.23 -17.14 -5.65
C MET A 651 -1.99 -16.62 -7.06
N ARG A 652 -2.46 -17.38 -8.04
CA ARG A 652 -1.87 -17.38 -9.37
C ARG A 652 -2.90 -17.19 -10.48
N ALA A 653 -2.75 -16.08 -11.19
CA ALA A 653 -3.54 -15.82 -12.40
C ALA A 653 -3.44 -16.99 -13.36
N MET A 654 -4.53 -17.27 -14.04
CA MET A 654 -4.60 -18.40 -14.96
C MET A 654 -3.60 -18.33 -16.13
N PHE A 655 -3.18 -17.13 -16.53
CA PHE A 655 -2.21 -17.01 -17.63
C PHE A 655 -0.84 -17.63 -17.37
N TYR A 656 -0.46 -17.85 -16.10
CA TYR A 656 0.82 -18.51 -15.80
C TYR A 656 0.88 -19.96 -16.31
N ASP A 657 -0.22 -20.71 -16.20
CA ASP A 657 -0.29 -22.11 -16.66
C ASP A 657 -1.07 -22.33 -17.97
N HIS A 658 -1.92 -21.39 -18.39
CA HIS A 658 -2.80 -21.58 -19.55
C HIS A 658 -2.95 -20.34 -20.43
N ALA A 659 -1.84 -19.66 -20.69
CA ALA A 659 -1.87 -18.42 -21.50
C ALA A 659 -2.31 -18.64 -22.95
N ASP A 660 -2.12 -19.85 -23.47
CA ASP A 660 -2.58 -20.22 -24.84
C ASP A 660 -4.11 -20.43 -24.98
N ASP A 661 -4.86 -20.27 -23.88
CA ASP A 661 -6.32 -20.36 -23.90
C ASP A 661 -6.88 -18.94 -23.76
N PRO A 662 -7.42 -18.37 -24.86
CA PRO A 662 -7.94 -16.98 -24.81
C PRO A 662 -9.11 -16.76 -23.85
N GLU A 663 -9.88 -17.82 -23.60
CA GLU A 663 -11.05 -17.77 -22.74
C GLU A 663 -10.75 -17.40 -21.28
N ILE A 664 -9.53 -17.63 -20.80
CA ILE A 664 -9.19 -17.30 -19.40
C ILE A 664 -9.44 -15.84 -19.00
N TRP A 665 -9.38 -14.93 -19.98
CA TRP A 665 -9.47 -13.50 -19.71
C TRP A 665 -10.89 -13.02 -19.43
N ALA A 666 -11.90 -13.82 -19.81
CA ALA A 666 -13.29 -13.55 -19.43
C ALA A 666 -13.61 -14.00 -18.01
N HIS A 667 -12.66 -14.60 -17.30
CA HIS A 667 -12.87 -15.06 -15.92
C HIS A 667 -11.71 -14.60 -15.02
N PRO A 668 -11.54 -13.27 -14.89
CA PRO A 668 -10.37 -12.71 -14.19
C PRO A 668 -10.35 -12.83 -12.65
N ARG A 669 -11.44 -13.27 -12.03
CA ARG A 669 -11.42 -13.57 -10.58
C ARG A 669 -11.40 -15.04 -10.22
N GLN A 670 -11.14 -15.90 -11.20
CA GLN A 670 -10.74 -17.28 -10.94
C GLN A 670 -9.24 -17.26 -10.81
N TYR A 671 -8.70 -18.13 -9.98
CA TYR A 671 -7.26 -18.23 -9.82
C TYR A 671 -6.84 -19.61 -9.35
N MET A 672 -5.58 -19.95 -9.61
CA MET A 672 -5.01 -21.20 -9.13
C MET A 672 -4.36 -20.93 -7.79
N LEU A 673 -4.50 -21.88 -6.86
CA LEU A 673 -3.76 -21.87 -5.60
C LEU A 673 -2.74 -22.97 -5.76
N GLY A 674 -1.52 -22.59 -6.08
CA GLY A 674 -0.49 -23.57 -6.44
C GLY A 674 -0.80 -24.20 -7.78
N ASP A 675 -0.11 -25.29 -8.11
CA ASP A 675 -0.29 -25.97 -9.39
C ASP A 675 -1.60 -26.76 -9.51
N GLU A 676 -2.16 -27.24 -8.39
CA GLU A 676 -3.19 -28.28 -8.42
C GLU A 676 -4.63 -27.85 -8.23
N LEU A 677 -4.87 -26.69 -7.61
CA LEU A 677 -6.23 -26.31 -7.23
C LEU A 677 -6.70 -25.04 -7.93
N LEU A 678 -7.88 -25.10 -8.55
CA LEU A 678 -8.50 -23.96 -9.22
C LEU A 678 -9.63 -23.47 -8.33
N ILE A 679 -9.60 -22.18 -7.99
CA ILE A 679 -10.49 -21.57 -6.98
C ILE A 679 -11.37 -20.53 -7.67
N ASN A 680 -12.67 -20.53 -7.36
CA ASN A 680 -13.58 -19.52 -7.89
C ASN A 680 -14.55 -18.99 -6.82
N PRO A 681 -14.15 -17.95 -6.07
CA PRO A 681 -15.01 -17.41 -5.02
C PRO A 681 -16.40 -16.95 -5.51
N VAL A 682 -17.39 -17.08 -4.64
CA VAL A 682 -18.75 -16.65 -4.95
C VAL A 682 -18.92 -15.22 -4.42
N THR A 683 -18.99 -14.28 -5.36
CA THR A 683 -18.88 -12.87 -5.08
C THR A 683 -20.17 -12.06 -5.39
N ALA A 684 -21.32 -12.74 -5.52
CA ALA A 684 -22.62 -12.04 -5.62
C ALA A 684 -23.60 -12.55 -4.56
N PRO A 685 -24.40 -11.64 -3.96
CA PRO A 685 -25.42 -12.07 -3.01
C PRO A 685 -26.56 -12.78 -3.72
N GLY A 686 -27.10 -13.81 -3.06
CA GLY A 686 -28.25 -14.56 -3.57
C GLY A 686 -27.93 -15.71 -4.52
N ALA A 687 -26.66 -15.91 -4.85
CA ALA A 687 -26.26 -16.94 -5.78
C ALA A 687 -26.43 -18.32 -5.16
N THR A 688 -27.11 -19.20 -5.88
CA THR A 688 -27.27 -20.60 -5.46
C THR A 688 -26.53 -21.58 -6.36
N THR A 689 -26.20 -21.15 -7.58
CA THR A 689 -25.26 -21.85 -8.44
C THR A 689 -24.16 -20.87 -8.84
N TRP A 690 -23.07 -21.41 -9.37
CA TRP A 690 -21.92 -20.61 -9.77
C TRP A 690 -21.16 -21.34 -10.85
N THR A 691 -20.72 -20.57 -11.84
CA THR A 691 -20.08 -21.12 -13.03
C THR A 691 -18.57 -20.82 -13.05
N THR A 692 -17.80 -21.83 -13.43
CA THR A 692 -16.33 -21.77 -13.43
C THR A 692 -15.84 -22.25 -14.81
N TYR A 693 -14.89 -21.52 -15.42
CA TYR A 693 -14.25 -21.99 -16.66
C TYR A 693 -13.09 -22.91 -16.32
N LEU A 694 -13.20 -24.19 -16.69
CA LEU A 694 -12.12 -25.15 -16.48
C LEU A 694 -11.23 -25.09 -17.71
N PRO A 695 -9.92 -24.88 -17.52
CA PRO A 695 -9.02 -24.97 -18.67
C PRO A 695 -8.69 -26.40 -19.01
N GLU A 696 -7.91 -26.57 -20.06
CA GLU A 696 -7.49 -27.88 -20.57
C GLU A 696 -7.04 -28.85 -19.46
N GLY A 697 -7.52 -30.08 -19.54
CA GLY A 697 -7.20 -31.11 -18.56
C GLY A 697 -8.44 -31.74 -17.97
N GLN A 698 -8.23 -32.63 -17.02
CA GLN A 698 -9.28 -33.31 -16.27
C GLN A 698 -9.35 -32.68 -14.88
N TRP A 699 -10.54 -32.44 -14.37
CA TRP A 699 -10.72 -31.71 -13.10
C TRP A 699 -11.65 -32.44 -12.12
N GLU A 700 -11.24 -32.51 -10.86
CA GLU A 700 -12.00 -33.20 -9.81
C GLU A 700 -12.58 -32.19 -8.83
N ASP A 701 -13.85 -32.35 -8.49
CA ASP A 701 -14.53 -31.49 -7.52
C ASP A 701 -13.95 -31.77 -6.14
N TYR A 702 -13.49 -30.73 -5.47
CA TYR A 702 -12.82 -30.86 -4.16
C TYR A 702 -13.72 -31.48 -3.09
N TRP A 703 -15.04 -31.27 -3.22
CA TRP A 703 -16.02 -31.68 -2.20
C TRP A 703 -16.72 -32.98 -2.54
N SER A 704 -17.11 -33.18 -3.79
CA SER A 704 -17.88 -34.36 -4.21
C SER A 704 -17.10 -35.49 -4.89
N GLY A 705 -15.91 -35.20 -5.43
CA GLY A 705 -15.16 -36.19 -6.22
C GLY A 705 -15.55 -36.25 -7.70
N GLU A 706 -16.57 -35.52 -8.10
CA GLU A 706 -17.08 -35.56 -9.49
C GLU A 706 -16.02 -35.02 -10.47
N VAL A 707 -15.77 -35.78 -11.53
CA VAL A 707 -14.76 -35.47 -12.54
C VAL A 707 -15.42 -34.69 -13.70
N SER A 708 -14.77 -33.63 -14.15
CA SER A 708 -15.26 -32.84 -15.26
C SER A 708 -14.18 -32.70 -16.30
N GLU A 709 -14.61 -32.68 -17.55
CA GLU A 709 -13.72 -32.47 -18.66
C GLU A 709 -13.43 -30.99 -18.81
N GLY A 710 -12.17 -30.65 -19.08
CA GLY A 710 -11.74 -29.27 -19.23
C GLY A 710 -11.93 -28.72 -20.63
N GLY A 711 -11.74 -27.41 -20.76
CA GLY A 711 -12.04 -26.65 -21.97
C GLY A 711 -13.47 -26.18 -22.02
N HIS A 712 -14.17 -26.18 -20.87
CA HIS A 712 -15.60 -25.90 -20.79
C HIS A 712 -15.96 -25.12 -19.53
N LEU A 713 -17.12 -24.48 -19.58
CA LEU A 713 -17.78 -23.95 -18.40
C LEU A 713 -18.48 -25.09 -17.68
N VAL A 714 -18.42 -25.09 -16.35
CA VAL A 714 -19.23 -25.98 -15.53
C VAL A 714 -19.98 -25.17 -14.47
N THR A 715 -21.14 -25.67 -14.09
CA THR A 715 -22.01 -25.04 -13.08
C THR A 715 -22.17 -25.97 -11.86
N ARG A 716 -22.15 -25.36 -10.68
CA ARG A 716 -21.98 -26.04 -9.42
C ARG A 716 -22.97 -25.43 -8.46
N ALA A 717 -23.72 -26.25 -7.72
CA ALA A 717 -24.56 -25.76 -6.63
C ALA A 717 -23.64 -25.18 -5.52
N VAL A 718 -24.03 -24.05 -4.94
CA VAL A 718 -23.16 -23.37 -3.98
C VAL A 718 -23.87 -22.98 -2.68
N GLY A 719 -24.24 -24.00 -1.90
CA GLY A 719 -24.61 -23.76 -0.50
C GLY A 719 -23.43 -23.11 0.19
N TRP A 720 -23.67 -22.51 1.35
CA TRP A 720 -22.61 -21.73 2.03
C TRP A 720 -21.43 -22.59 2.48
N ASP A 721 -21.66 -23.88 2.66
CA ASP A 721 -20.58 -24.83 2.97
C ASP A 721 -19.71 -25.23 1.77
N ILE A 722 -19.95 -24.62 0.60
CA ILE A 722 -19.22 -24.89 -0.64
C ILE A 722 -18.61 -23.60 -1.20
N ILE A 723 -17.34 -23.66 -1.59
CA ILE A 723 -16.74 -22.70 -2.54
C ILE A 723 -16.24 -23.54 -3.71
N PRO A 724 -16.49 -23.12 -4.96
CA PRO A 724 -16.05 -23.99 -6.04
C PRO A 724 -14.53 -24.12 -6.09
N VAL A 725 -14.04 -25.34 -5.90
CA VAL A 725 -12.64 -25.66 -5.97
C VAL A 725 -12.51 -26.94 -6.78
N TYR A 726 -11.67 -26.89 -7.81
CA TYR A 726 -11.38 -28.05 -8.65
C TYR A 726 -9.89 -28.44 -8.59
N ARG A 727 -9.62 -29.74 -8.42
CA ARG A 727 -8.28 -30.29 -8.39
C ARG A 727 -7.92 -30.92 -9.73
N ARG A 728 -6.69 -30.73 -10.19
CA ARG A 728 -6.21 -31.42 -11.40
C ARG A 728 -6.18 -32.92 -11.14
N VAL A 729 -6.65 -33.70 -12.10
CA VAL A 729 -6.48 -35.14 -12.11
C VAL A 729 -5.16 -35.41 -12.83
N GLY A 730 -4.14 -35.84 -12.10
CA GLY A 730 -2.85 -36.21 -12.70
C GLY A 730 -2.80 -37.62 -13.30
N ALA A 731 -1.61 -38.05 -13.71
CA ALA A 731 -1.41 -39.40 -14.26
C ALA A 731 -1.42 -40.44 -13.15
N ALA A 732 -1.58 -41.71 -13.54
CA ALA A 732 -1.63 -42.82 -12.56
C ALA A 732 -0.24 -43.15 -12.02
#